data_6L95
#
_entry.id   6L95
#
_entity_poly.entity_id   1
_entity_poly.type   'polypeptide(L)'
_entity_poly.pdbx_seq_one_letter_code
;GTPTWQTVTIFVAGVLTASLTIWKKMG
;
_entity_poly.pdbx_strand_id   A,B
#
# COMPACT_ATOMS: atom_id res chain seq x y z
N GLY A 1 17.49 14.37 -10.93
CA GLY A 1 18.13 15.15 -9.83
C GLY A 1 17.18 15.24 -8.64
N THR A 2 15.96 15.67 -8.88
CA THR A 2 14.95 15.79 -7.78
C THR A 2 14.04 14.55 -7.80
N PRO A 3 13.77 13.89 -6.66
CA PRO A 3 12.88 12.70 -6.63
C PRO A 3 11.43 13.05 -6.94
N THR A 4 10.69 12.15 -7.54
CA THR A 4 9.26 12.42 -7.88
C THR A 4 8.40 12.20 -6.64
N TRP A 5 7.24 12.82 -6.60
CA TRP A 5 6.33 12.68 -5.40
C TRP A 5 5.19 11.69 -5.70
N GLN A 6 5.03 11.25 -6.92
CA GLN A 6 3.92 10.29 -7.25
C GLN A 6 4.20 8.93 -6.62
N THR A 7 5.43 8.48 -6.64
CA THR A 7 5.79 7.15 -6.06
C THR A 7 5.59 7.16 -4.54
N VAL A 8 6.03 8.20 -3.87
CA VAL A 8 5.90 8.26 -2.38
C VAL A 8 4.42 8.43 -2.00
N THR A 9 3.70 9.30 -2.68
CA THR A 9 2.25 9.53 -2.34
C THR A 9 1.42 8.27 -2.58
N ILE A 10 1.64 7.59 -3.70
CA ILE A 10 0.85 6.36 -3.99
C ILE A 10 1.19 5.27 -2.96
N PHE A 11 2.46 5.14 -2.63
CA PHE A 11 2.91 4.10 -1.65
C PHE A 11 2.24 4.33 -0.31
N VAL A 12 2.23 5.55 0.17
CA VAL A 12 1.59 5.86 1.49
C VAL A 12 0.08 5.63 1.38
N ALA A 13 -0.51 6.01 0.27
CA ALA A 13 -1.99 5.81 0.08
C ALA A 13 -2.29 4.31 0.06
N GLY A 14 -1.40 3.51 -0.49
CA GLY A 14 -1.62 2.03 -0.54
C GLY A 14 -1.67 1.47 0.87
N VAL A 15 -0.79 1.93 1.74
CA VAL A 15 -0.77 1.43 3.14
C VAL A 15 -2.07 1.87 3.83
N LEU A 16 -2.46 3.10 3.63
CA LEU A 16 -3.71 3.63 4.26
C LEU A 16 -4.90 2.83 3.74
N THR A 17 -4.94 2.57 2.46
CA THR A 17 -6.07 1.79 1.85
C THR A 17 -6.14 0.41 2.47
N ALA A 18 -5.00 -0.22 2.66
CA ALA A 18 -4.97 -1.58 3.26
C ALA A 18 -5.63 -1.56 4.62
N SER A 19 -5.45 -0.51 5.38
CA SER A 19 -6.08 -0.41 6.74
C SER A 19 -7.60 -0.51 6.58
N LEU A 20 -8.15 0.28 5.68
CA LEU A 20 -9.63 0.28 5.45
C LEU A 20 -10.12 -1.07 4.92
N THR A 21 -9.38 -1.67 3.99
CA THR A 21 -9.83 -2.97 3.39
C THR A 21 -9.74 -4.09 4.42
N ILE A 22 -8.64 -4.20 5.13
CA ILE A 22 -8.48 -5.29 6.15
C ILE A 22 -9.46 -5.06 7.30
N TRP A 23 -9.55 -3.85 7.80
CA TRP A 23 -10.48 -3.55 8.94
C TRP A 23 -11.91 -3.91 8.54
N LYS A 24 -12.31 -3.53 7.35
CA LYS A 24 -13.70 -3.84 6.87
C LYS A 24 -13.86 -5.34 6.68
N LYS A 25 -12.82 -6.02 6.25
CA LYS A 25 -12.91 -7.51 6.02
C LYS A 25 -12.78 -8.25 7.37
N MET A 26 -12.21 -7.61 8.38
CA MET A 26 -12.06 -8.28 9.70
C MET A 26 -13.22 -7.87 10.63
N GLY A 27 -14.36 -7.55 10.05
CA GLY A 27 -15.54 -7.15 10.88
C GLY A 27 -15.61 -5.63 10.97
N GLY B 1 -10.28 2.09 -11.94
CA GLY B 1 -10.18 2.09 -13.42
C GLY B 1 -9.01 1.20 -13.85
N THR B 2 -8.22 1.66 -14.81
CA THR B 2 -7.06 0.85 -15.29
C THR B 2 -5.77 1.70 -15.16
N PRO B 3 -5.14 1.73 -13.98
CA PRO B 3 -3.88 2.53 -13.77
C PRO B 3 -2.67 1.89 -14.47
N THR B 4 -1.64 2.66 -14.67
CA THR B 4 -0.40 2.15 -15.35
C THR B 4 0.07 0.86 -14.67
N TRP B 5 0.88 0.08 -15.36
CA TRP B 5 1.40 -1.20 -14.79
C TRP B 5 2.32 -0.91 -13.60
N GLN B 6 3.02 0.20 -13.63
CA GLN B 6 3.95 0.55 -12.50
C GLN B 6 3.13 0.87 -11.24
N THR B 7 2.02 1.54 -11.41
CA THR B 7 1.14 1.91 -10.25
C THR B 7 0.59 0.65 -9.57
N VAL B 8 0.14 -0.32 -10.34
CA VAL B 8 -0.42 -1.55 -9.72
C VAL B 8 0.68 -2.35 -9.02
N THR B 9 1.86 -2.43 -9.59
CA THR B 9 2.97 -3.21 -8.95
C THR B 9 3.37 -2.55 -7.63
N ILE B 10 3.51 -1.23 -7.62
CA ILE B 10 3.90 -0.53 -6.35
C ILE B 10 2.78 -0.67 -5.30
N PHE B 11 1.54 -0.61 -5.74
CA PHE B 11 0.39 -0.72 -4.79
C PHE B 11 0.46 -2.05 -4.06
N VAL B 12 0.68 -3.13 -4.79
CA VAL B 12 0.74 -4.49 -4.16
C VAL B 12 1.90 -4.56 -3.17
N ALA B 13 3.03 -3.97 -3.51
CA ALA B 13 4.22 -4.00 -2.60
C ALA B 13 3.90 -3.26 -1.30
N GLY B 14 3.19 -2.15 -1.40
CA GLY B 14 2.85 -1.35 -0.17
C GLY B 14 1.79 -2.09 0.65
N VAL B 15 0.80 -2.67 0.01
CA VAL B 15 -0.28 -3.40 0.75
C VAL B 15 0.31 -4.67 1.37
N LEU B 16 1.13 -5.38 0.63
CA LEU B 16 1.75 -6.64 1.13
C LEU B 16 2.61 -6.33 2.35
N THR B 17 3.38 -5.26 2.30
CA THR B 17 4.24 -4.88 3.47
C THR B 17 3.33 -4.52 4.65
N ALA B 18 2.33 -3.71 4.38
CA ALA B 18 1.38 -3.29 5.46
C ALA B 18 0.69 -4.53 6.04
N SER B 19 0.41 -5.51 5.22
CA SER B 19 -0.26 -6.75 5.69
C SER B 19 0.60 -7.40 6.79
N LEU B 20 1.89 -7.50 6.55
CA LEU B 20 2.82 -8.13 7.54
C LEU B 20 2.88 -7.31 8.83
N THR B 21 2.91 -5.99 8.73
CA THR B 21 3.00 -5.15 9.96
C THR B 21 1.74 -5.33 10.80
N ILE B 22 0.58 -5.28 10.18
CA ILE B 22 -0.71 -5.46 10.92
C ILE B 22 -0.78 -6.89 11.46
N TRP B 23 -0.36 -7.85 10.68
CA TRP B 23 -0.40 -9.27 11.12
C TRP B 23 0.40 -9.44 12.41
N LYS B 24 1.51 -8.74 12.54
CA LYS B 24 2.35 -8.85 13.77
C LYS B 24 1.53 -8.40 14.99
N LYS B 25 0.73 -7.36 14.83
CA LYS B 25 -0.11 -6.85 15.96
C LYS B 25 -1.32 -7.76 16.16
N MET B 26 -1.76 -8.43 15.11
CA MET B 26 -2.94 -9.35 15.22
C MET B 26 -2.45 -10.81 15.32
N GLY B 27 -1.36 -11.01 16.05
CA GLY B 27 -0.81 -12.39 16.22
C GLY B 27 -0.59 -12.67 17.70
N GLY A 1 17.11 19.68 -4.81
CA GLY A 1 16.84 18.64 -5.85
C GLY A 1 15.35 18.31 -5.87
N THR A 2 14.84 17.89 -7.00
CA THR A 2 13.39 17.55 -7.11
C THR A 2 13.24 16.01 -7.31
N PRO A 3 13.13 15.23 -6.23
CA PRO A 3 12.98 13.75 -6.34
C PRO A 3 11.57 13.33 -6.74
N THR A 4 11.42 12.13 -7.26
CA THR A 4 10.07 11.65 -7.69
C THR A 4 9.16 11.58 -6.48
N TRP A 5 8.07 12.31 -6.50
CA TRP A 5 7.10 12.32 -5.36
C TRP A 5 5.94 11.35 -5.62
N GLN A 6 5.83 10.81 -6.81
CA GLN A 6 4.72 9.85 -7.15
C GLN A 6 4.93 8.54 -6.39
N THR A 7 6.17 8.14 -6.19
CA THR A 7 6.46 6.86 -5.47
C THR A 7 6.07 6.96 -4.00
N VAL A 8 6.39 8.06 -3.35
CA VAL A 8 6.04 8.22 -1.91
C VAL A 8 4.53 8.32 -1.72
N THR A 9 3.86 9.11 -2.53
CA THR A 9 2.37 9.28 -2.38
C THR A 9 1.63 7.98 -2.68
N ILE A 10 2.02 7.27 -3.72
CA ILE A 10 1.32 5.99 -4.07
C ILE A 10 1.55 4.94 -2.96
N PHE A 11 2.75 4.90 -2.41
CA PHE A 11 3.07 3.90 -1.35
C PHE A 11 2.19 4.14 -0.11
N VAL A 12 2.10 5.37 0.32
CA VAL A 12 1.27 5.70 1.52
C VAL A 12 -0.19 5.41 1.23
N ALA A 13 -0.64 5.74 0.04
CA ALA A 13 -2.06 5.46 -0.35
C ALA A 13 -2.31 3.96 -0.26
N GLY A 14 -1.32 3.16 -0.60
CA GLY A 14 -1.46 1.67 -0.54
C GLY A 14 -1.62 1.23 0.92
N VAL A 15 -0.88 1.84 1.82
CA VAL A 15 -0.97 1.47 3.27
C VAL A 15 -2.33 1.92 3.81
N LEU A 16 -2.74 3.13 3.49
CA LEU A 16 -4.05 3.64 3.97
C LEU A 16 -5.19 2.80 3.39
N THR A 17 -5.10 2.47 2.12
CA THR A 17 -6.17 1.65 1.48
C THR A 17 -6.26 0.30 2.17
N ALA A 18 -5.13 -0.33 2.40
CA ALA A 18 -5.10 -1.66 3.05
C ALA A 18 -5.73 -1.60 4.45
N SER A 19 -5.57 -0.49 5.15
CA SER A 19 -6.16 -0.38 6.52
C SER A 19 -7.67 -0.55 6.43
N LEU A 20 -8.29 0.12 5.49
CA LEU A 20 -9.78 0.03 5.32
C LEU A 20 -10.21 -1.39 4.94
N THR A 21 -9.50 -2.04 4.04
CA THR A 21 -9.90 -3.42 3.60
C THR A 21 -9.71 -4.41 4.74
N ILE A 22 -8.57 -4.38 5.39
CA ILE A 22 -8.30 -5.34 6.50
C ILE A 22 -9.24 -5.03 7.67
N TRP A 23 -9.38 -3.77 8.01
CA TRP A 23 -10.27 -3.38 9.15
C TRP A 23 -11.70 -3.84 8.87
N LYS A 24 -12.15 -3.75 7.64
CA LYS A 24 -13.53 -4.17 7.29
C LYS A 24 -13.69 -5.67 7.56
N LYS A 25 -12.68 -6.45 7.25
CA LYS A 25 -12.75 -7.93 7.48
C LYS A 25 -12.33 -8.27 8.92
N MET A 26 -11.66 -7.35 9.60
CA MET A 26 -11.22 -7.62 11.01
C MET A 26 -12.21 -6.99 12.00
N GLY A 27 -13.43 -6.75 11.57
CA GLY A 27 -14.46 -6.13 12.45
C GLY A 27 -14.73 -4.70 12.01
N GLY B 1 -10.09 6.30 -19.02
CA GLY B 1 -9.31 7.41 -19.64
C GLY B 1 -7.88 6.96 -19.89
N THR B 2 -7.00 7.23 -18.95
CA THR B 2 -5.57 6.84 -19.10
C THR B 2 -5.09 6.12 -17.81
N PRO B 3 -5.31 4.81 -17.68
CA PRO B 3 -4.88 4.06 -16.46
C PRO B 3 -3.38 3.77 -16.45
N THR B 4 -2.82 3.51 -15.29
CA THR B 4 -1.36 3.21 -15.18
C THR B 4 -1.17 1.80 -14.63
N TRP B 5 -0.34 1.01 -15.27
CA TRP B 5 -0.10 -0.40 -14.79
C TRP B 5 0.99 -0.39 -13.73
N GLN B 6 1.98 0.48 -13.87
CA GLN B 6 3.09 0.55 -12.87
C GLN B 6 2.52 0.90 -11.50
N THR B 7 1.46 1.68 -11.47
CA THR B 7 0.83 2.07 -10.16
C THR B 7 0.28 0.82 -9.48
N VAL B 8 -0.16 -0.14 -10.26
CA VAL B 8 -0.73 -1.40 -9.68
C VAL B 8 0.39 -2.18 -9.00
N THR B 9 1.54 -2.28 -9.63
CA THR B 9 2.67 -3.05 -9.03
C THR B 9 3.16 -2.38 -7.74
N ILE B 10 3.30 -1.07 -7.75
CA ILE B 10 3.77 -0.36 -6.51
C ILE B 10 2.71 -0.47 -5.42
N PHE B 11 1.45 -0.40 -5.79
CA PHE B 11 0.34 -0.49 -4.79
C PHE B 11 0.46 -1.83 -4.06
N VAL B 12 0.67 -2.91 -4.77
CA VAL B 12 0.78 -4.25 -4.14
C VAL B 12 1.95 -4.24 -3.14
N ALA B 13 3.05 -3.59 -3.49
CA ALA B 13 4.22 -3.54 -2.56
C ALA B 13 3.81 -2.85 -1.26
N GLY B 14 3.00 -1.82 -1.35
CA GLY B 14 2.56 -1.09 -0.12
C GLY B 14 1.61 -1.98 0.70
N VAL B 15 0.71 -2.68 0.04
CA VAL B 15 -0.24 -3.58 0.76
C VAL B 15 0.54 -4.74 1.38
N LEU B 16 1.53 -5.25 0.67
CA LEU B 16 2.34 -6.39 1.19
C LEU B 16 3.04 -5.96 2.47
N THR B 17 3.59 -4.76 2.49
CA THR B 17 4.29 -4.25 3.71
C THR B 17 3.28 -4.06 4.82
N ALA B 18 2.17 -3.44 4.51
CA ALA B 18 1.10 -3.19 5.53
C ALA B 18 0.52 -4.52 6.03
N SER B 19 0.50 -5.53 5.19
CA SER B 19 -0.08 -6.85 5.61
C SER B 19 0.80 -7.45 6.70
N LEU B 20 2.10 -7.49 6.46
CA LEU B 20 3.06 -8.07 7.44
C LEU B 20 3.08 -7.26 8.75
N THR B 21 3.06 -5.94 8.67
CA THR B 21 3.13 -5.10 9.91
C THR B 21 1.83 -5.22 10.70
N ILE B 22 0.69 -5.10 10.05
CA ILE B 22 -0.62 -5.18 10.76
C ILE B 22 -0.82 -6.62 11.27
N TRP B 23 -0.54 -7.59 10.44
CA TRP B 23 -0.72 -9.01 10.84
C TRP B 23 0.13 -9.31 12.08
N LYS B 24 1.33 -8.76 12.14
CA LYS B 24 2.22 -9.02 13.31
C LYS B 24 1.58 -8.49 14.59
N LYS B 25 0.92 -7.34 14.52
CA LYS B 25 0.26 -6.77 15.75
C LYS B 25 -1.12 -7.39 15.97
N MET B 26 -1.62 -8.16 15.00
CA MET B 26 -2.96 -8.81 15.17
C MET B 26 -2.80 -10.20 15.79
N GLY B 27 -1.83 -10.34 16.68
CA GLY B 27 -1.59 -11.66 17.35
C GLY B 27 -1.24 -11.43 18.82
N GLY A 1 15.91 19.73 -9.44
CA GLY A 1 15.04 20.83 -8.94
C GLY A 1 14.17 20.31 -7.80
N THR A 2 13.06 19.69 -8.12
CA THR A 2 12.15 19.15 -7.06
C THR A 2 11.89 17.65 -7.34
N PRO A 3 11.89 16.78 -6.32
CA PRO A 3 11.66 15.32 -6.53
C PRO A 3 10.17 14.99 -6.75
N THR A 4 9.89 13.88 -7.37
CA THR A 4 8.47 13.47 -7.63
C THR A 4 7.91 12.81 -6.38
N TRP A 5 6.76 13.25 -5.93
CA TRP A 5 6.13 12.66 -4.70
C TRP A 5 5.00 11.68 -5.08
N GLN A 6 4.70 11.52 -6.35
CA GLN A 6 3.62 10.59 -6.78
C GLN A 6 3.95 9.16 -6.32
N THR A 7 5.20 8.78 -6.39
CA THR A 7 5.60 7.39 -5.96
C THR A 7 5.35 7.20 -4.47
N VAL A 8 5.78 8.13 -3.65
CA VAL A 8 5.57 8.01 -2.18
C VAL A 8 4.09 8.13 -1.83
N THR A 9 3.38 9.02 -2.49
CA THR A 9 1.92 9.22 -2.18
C THR A 9 1.12 7.96 -2.54
N ILE A 10 1.39 7.35 -3.67
CA ILE A 10 0.64 6.12 -4.07
C ILE A 10 1.00 4.98 -3.10
N PHE A 11 2.24 4.90 -2.69
CA PHE A 11 2.68 3.83 -1.75
C PHE A 11 1.92 3.94 -0.43
N VAL A 12 1.84 5.14 0.10
CA VAL A 12 1.13 5.38 1.39
C VAL A 12 -0.37 5.15 1.22
N ALA A 13 -0.93 5.56 0.10
CA ALA A 13 -2.40 5.40 -0.14
C ALA A 13 -2.77 3.92 -0.08
N GLY A 14 -1.93 3.05 -0.61
CA GLY A 14 -2.25 1.58 -0.57
C GLY A 14 -2.27 1.11 0.88
N VAL A 15 -1.38 1.62 1.70
CA VAL A 15 -1.35 1.22 3.15
C VAL A 15 -2.58 1.78 3.84
N LEU A 16 -2.90 3.02 3.55
CA LEU A 16 -4.08 3.70 4.19
C LEU A 16 -5.40 3.03 3.78
N THR A 17 -5.55 2.72 2.52
CA THR A 17 -6.83 2.09 2.03
C THR A 17 -6.98 0.70 2.62
N ALA A 18 -5.95 -0.10 2.56
CA ALA A 18 -6.02 -1.49 3.12
C ALA A 18 -6.26 -1.43 4.62
N SER A 19 -5.71 -0.44 5.28
CA SER A 19 -5.92 -0.30 6.76
C SER A 19 -7.41 -0.24 7.03
N LEU A 20 -8.14 0.48 6.20
CA LEU A 20 -9.63 0.62 6.36
C LEU A 20 -10.32 -0.74 6.18
N THR A 21 -9.89 -1.55 5.22
CA THR A 21 -10.57 -2.87 4.96
C THR A 21 -10.22 -3.88 6.04
N ILE A 22 -8.96 -3.98 6.40
CA ILE A 22 -8.53 -4.98 7.43
C ILE A 22 -9.25 -4.68 8.73
N TRP A 23 -9.28 -3.44 9.15
CA TRP A 23 -9.97 -3.09 10.44
C TRP A 23 -11.43 -3.53 10.37
N LYS A 24 -12.04 -3.43 9.21
CA LYS A 24 -13.48 -3.83 9.05
C LYS A 24 -13.63 -5.35 9.19
N LYS A 25 -12.70 -6.11 8.65
CA LYS A 25 -12.81 -7.61 8.74
C LYS A 25 -12.08 -8.14 9.99
N MET A 26 -11.30 -7.32 10.65
CA MET A 26 -10.57 -7.77 11.88
C MET A 26 -11.17 -7.10 13.13
N GLY A 27 -12.42 -6.70 13.06
CA GLY A 27 -13.09 -6.06 14.23
C GLY A 27 -12.40 -4.71 14.52
N GLY B 1 -8.91 2.48 -16.06
CA GLY B 1 -7.68 2.45 -16.90
C GLY B 1 -6.46 2.42 -16.00
N THR B 2 -5.49 1.58 -16.32
CA THR B 2 -4.25 1.48 -15.50
C THR B 2 -3.02 1.69 -16.40
N PRO B 3 -2.57 2.94 -16.61
CA PRO B 3 -1.38 3.22 -17.48
C PRO B 3 -0.07 2.81 -16.82
N THR B 4 0.91 2.41 -17.61
CA THR B 4 2.24 2.00 -17.08
C THR B 4 2.08 0.77 -16.19
N TRP B 5 3.11 -0.05 -16.11
CA TRP B 5 3.05 -1.29 -15.26
C TRP B 5 3.78 -1.06 -13.93
N GLN B 6 4.70 -0.11 -13.90
CA GLN B 6 5.47 0.16 -12.64
C GLN B 6 4.52 0.65 -11.55
N THR B 7 3.48 1.37 -11.91
CA THR B 7 2.52 1.92 -10.90
C THR B 7 1.75 0.77 -10.22
N VAL B 8 1.29 -0.18 -10.99
CA VAL B 8 0.51 -1.32 -10.39
C VAL B 8 1.39 -2.20 -9.51
N THR B 9 2.59 -2.53 -9.96
CA THR B 9 3.50 -3.42 -9.17
C THR B 9 3.92 -2.77 -7.86
N ILE B 10 4.25 -1.48 -7.86
CA ILE B 10 4.69 -0.81 -6.60
C ILE B 10 3.50 -0.74 -5.62
N PHE B 11 2.31 -0.51 -6.14
CA PHE B 11 1.11 -0.43 -5.25
C PHE B 11 0.95 -1.76 -4.50
N VAL B 12 1.13 -2.86 -5.20
CA VAL B 12 0.99 -4.21 -4.55
C VAL B 12 2.06 -4.36 -3.46
N ALA B 13 3.27 -3.90 -3.71
CA ALA B 13 4.37 -4.04 -2.71
C ALA B 13 4.08 -3.20 -1.46
N GLY B 14 3.44 -2.06 -1.62
CA GLY B 14 3.12 -1.18 -0.45
C GLY B 14 2.03 -1.82 0.38
N VAL B 15 0.98 -2.28 -0.27
CA VAL B 15 -0.15 -2.92 0.45
C VAL B 15 0.29 -4.28 1.00
N LEU B 16 1.16 -4.98 0.30
CA LEU B 16 1.64 -6.31 0.79
C LEU B 16 2.37 -6.11 2.12
N THR B 17 3.19 -5.09 2.20
CA THR B 17 3.93 -4.80 3.47
C THR B 17 2.94 -4.50 4.58
N ALA B 18 1.89 -3.76 4.27
CA ALA B 18 0.87 -3.39 5.28
C ALA B 18 0.25 -4.64 5.92
N SER B 19 -0.04 -5.64 5.12
CA SER B 19 -0.66 -6.90 5.67
C SER B 19 0.34 -7.61 6.56
N LEU B 20 1.56 -7.76 6.09
CA LEU B 20 2.63 -8.45 6.88
C LEU B 20 2.96 -7.70 8.18
N THR B 21 3.02 -6.38 8.12
CA THR B 21 3.37 -5.59 9.35
C THR B 21 2.21 -5.58 10.33
N ILE B 22 1.02 -5.32 9.83
CA ILE B 22 -0.19 -5.28 10.72
C ILE B 22 -0.41 -6.68 11.29
N TRP B 23 -0.29 -7.69 10.47
CA TRP B 23 -0.51 -9.10 10.94
C TRP B 23 0.45 -9.41 12.09
N LYS B 24 1.70 -9.03 11.96
CA LYS B 24 2.70 -9.30 13.05
C LYS B 24 2.30 -8.53 14.30
N LYS B 25 1.78 -7.33 14.16
CA LYS B 25 1.36 -6.52 15.35
C LYS B 25 0.04 -7.05 15.91
N MET B 26 -0.78 -7.67 15.08
CA MET B 26 -2.09 -8.21 15.56
C MET B 26 -1.85 -9.59 16.19
N GLY B 27 -0.93 -9.67 17.12
CA GLY B 27 -0.62 -10.97 17.79
C GLY B 27 -0.77 -10.81 19.30
N GLY A 1 18.62 10.82 -9.14
CA GLY A 1 18.82 11.34 -7.76
C GLY A 1 17.91 12.54 -7.54
N THR A 2 16.65 12.43 -7.91
CA THR A 2 15.69 13.56 -7.72
C THR A 2 14.49 13.07 -6.88
N PRO A 3 13.99 13.85 -5.92
CA PRO A 3 12.83 13.43 -5.07
C PRO A 3 11.51 13.43 -5.85
N THR A 4 10.66 12.47 -5.60
CA THR A 4 9.35 12.39 -6.31
C THR A 4 8.24 12.13 -5.30
N TRP A 5 7.32 13.07 -5.16
CA TRP A 5 6.20 12.91 -4.19
C TRP A 5 5.13 11.96 -4.74
N GLN A 6 5.15 11.70 -6.04
CA GLN A 6 4.13 10.80 -6.66
C GLN A 6 4.35 9.37 -6.16
N THR A 7 5.58 8.95 -6.03
CA THR A 7 5.88 7.55 -5.57
C THR A 7 5.43 7.37 -4.13
N VAL A 8 5.75 8.29 -3.26
CA VAL A 8 5.36 8.17 -1.82
C VAL A 8 3.84 8.30 -1.66
N THR A 9 3.22 9.23 -2.35
CA THR A 9 1.73 9.42 -2.20
C THR A 9 0.99 8.16 -2.67
N ILE A 10 1.39 7.58 -3.78
CA ILE A 10 0.70 6.35 -4.28
C ILE A 10 0.95 5.20 -3.30
N PHE A 11 2.15 5.12 -2.76
CA PHE A 11 2.50 4.02 -1.81
C PHE A 11 1.70 4.17 -0.53
N VAL A 12 1.63 5.37 0.01
CA VAL A 12 0.87 5.61 1.28
C VAL A 12 -0.63 5.40 1.02
N ALA A 13 -1.14 5.85 -0.11
CA ALA A 13 -2.60 5.71 -0.41
C ALA A 13 -2.97 4.23 -0.42
N GLY A 14 -2.12 3.39 -0.97
CA GLY A 14 -2.42 1.92 -1.03
C GLY A 14 -2.41 1.35 0.38
N VAL A 15 -1.45 1.75 1.20
CA VAL A 15 -1.37 1.24 2.61
C VAL A 15 -2.59 1.73 3.38
N LEU A 16 -2.97 2.98 3.17
CA LEU A 16 -4.13 3.56 3.89
C LEU A 16 -5.40 2.79 3.52
N THR A 17 -5.57 2.50 2.25
CA THR A 17 -6.79 1.76 1.79
C THR A 17 -6.86 0.39 2.48
N ALA A 18 -5.76 -0.32 2.52
CA ALA A 18 -5.76 -1.68 3.15
C ALA A 18 -5.89 -1.55 4.67
N SER A 19 -5.41 -0.47 5.25
CA SER A 19 -5.52 -0.31 6.72
C SER A 19 -6.99 -0.28 7.11
N LEU A 20 -7.78 0.43 6.35
CA LEU A 20 -9.25 0.56 6.65
C LEU A 20 -9.95 -0.79 6.51
N THR A 21 -9.67 -1.55 5.47
CA THR A 21 -10.35 -2.87 5.26
C THR A 21 -9.93 -3.87 6.33
N ILE A 22 -8.64 -3.98 6.57
CA ILE A 22 -8.13 -4.97 7.57
C ILE A 22 -8.62 -4.59 8.96
N TRP A 23 -8.54 -3.32 9.32
CA TRP A 23 -8.98 -2.88 10.67
C TRP A 23 -10.45 -3.21 10.89
N LYS A 24 -11.29 -2.95 9.91
CA LYS A 24 -12.75 -3.24 10.06
C LYS A 24 -12.97 -4.75 10.20
N LYS A 25 -12.23 -5.54 9.47
CA LYS A 25 -12.40 -7.03 9.56
C LYS A 25 -11.74 -7.57 10.83
N MET A 26 -10.73 -6.90 11.34
CA MET A 26 -10.05 -7.36 12.58
C MET A 26 -10.60 -6.60 13.80
N GLY A 27 -11.84 -6.16 13.71
CA GLY A 27 -12.47 -5.41 14.86
C GLY A 27 -13.98 -5.42 14.69
N GLY B 1 -1.05 6.03 -23.58
CA GLY B 1 -0.54 5.43 -24.85
C GLY B 1 0.19 4.13 -24.54
N THR B 2 1.19 4.19 -23.69
CA THR B 2 1.97 2.97 -23.33
C THR B 2 2.04 2.86 -21.78
N PRO B 3 1.12 2.15 -21.13
CA PRO B 3 1.14 2.00 -19.64
C PRO B 3 2.30 1.13 -19.16
N THR B 4 2.65 1.25 -17.91
CA THR B 4 3.78 0.44 -17.34
C THR B 4 3.28 -0.36 -16.14
N TRP B 5 4.01 -1.38 -15.76
CA TRP B 5 3.59 -2.22 -14.59
C TRP B 5 4.28 -1.74 -13.30
N GLN B 6 5.19 -0.79 -13.38
CA GLN B 6 5.90 -0.29 -12.17
C GLN B 6 4.90 0.35 -11.20
N THR B 7 3.90 1.04 -11.71
CA THR B 7 2.88 1.68 -10.84
C THR B 7 2.02 0.60 -10.21
N VAL B 8 1.68 -0.43 -10.95
CA VAL B 8 0.84 -1.53 -10.41
C VAL B 8 1.63 -2.30 -9.36
N THR B 9 2.88 -2.59 -9.64
CA THR B 9 3.73 -3.36 -8.69
C THR B 9 3.98 -2.60 -7.39
N ILE B 10 4.26 -1.31 -7.47
CA ILE B 10 4.53 -0.52 -6.22
C ILE B 10 3.25 -0.43 -5.38
N PHE B 11 2.12 -0.23 -6.03
CA PHE B 11 0.82 -0.13 -5.28
C PHE B 11 0.52 -1.46 -4.61
N VAL B 12 0.67 -2.55 -5.34
CA VAL B 12 0.39 -3.91 -4.78
C VAL B 12 1.42 -4.23 -3.70
N ALA B 13 2.66 -3.88 -3.91
CA ALA B 13 3.72 -4.17 -2.89
C ALA B 13 3.37 -3.47 -1.58
N GLY B 14 2.87 -2.25 -1.67
CA GLY B 14 2.48 -1.50 -0.43
C GLY B 14 1.36 -2.23 0.28
N VAL B 15 0.43 -2.80 -0.44
CA VAL B 15 -0.70 -3.55 0.19
C VAL B 15 -0.13 -4.82 0.85
N LEU B 16 0.79 -5.48 0.17
CA LEU B 16 1.39 -6.73 0.73
C LEU B 16 2.17 -6.39 2.00
N THR B 17 2.93 -5.31 2.00
CA THR B 17 3.72 -4.92 3.21
C THR B 17 2.76 -4.57 4.35
N ALA B 18 1.72 -3.81 4.05
CA ALA B 18 0.73 -3.41 5.09
C ALA B 18 0.14 -4.66 5.74
N SER B 19 -0.08 -5.71 4.98
CA SER B 19 -0.66 -6.96 5.53
C SER B 19 0.33 -7.57 6.53
N LEU B 20 1.57 -7.70 6.13
CA LEU B 20 2.62 -8.30 7.03
C LEU B 20 2.85 -7.43 8.26
N THR B 21 2.88 -6.13 8.11
CA THR B 21 3.13 -5.22 9.27
C THR B 21 2.01 -5.37 10.31
N ILE B 22 0.77 -5.35 9.88
CA ILE B 22 -0.38 -5.49 10.82
C ILE B 22 -0.36 -6.89 11.41
N TRP B 23 -0.19 -7.89 10.57
CA TRP B 23 -0.18 -9.31 11.05
C TRP B 23 0.92 -9.48 12.09
N LYS B 24 2.08 -8.89 11.85
CA LYS B 24 3.22 -9.02 12.81
C LYS B 24 2.85 -8.34 14.12
N LYS B 25 2.18 -7.21 14.06
CA LYS B 25 1.77 -6.49 15.31
C LYS B 25 0.57 -7.18 15.96
N MET B 26 -0.23 -7.87 15.19
CA MET B 26 -1.44 -8.57 15.76
C MET B 26 -1.06 -10.00 16.20
N GLY B 27 0.20 -10.23 16.49
CA GLY B 27 0.64 -11.59 16.93
C GLY B 27 2.15 -11.72 16.77
N GLY A 1 17.49 16.57 -6.68
CA GLY A 1 16.90 17.94 -6.74
C GLY A 1 15.40 17.85 -6.46
N THR A 2 14.63 17.44 -7.44
CA THR A 2 13.15 17.33 -7.26
C THR A 2 12.70 15.91 -7.66
N PRO A 3 12.76 14.92 -6.76
CA PRO A 3 12.34 13.52 -7.08
C PRO A 3 10.84 13.43 -7.33
N THR A 4 10.42 12.46 -8.12
CA THR A 4 8.96 12.28 -8.41
C THR A 4 8.22 12.05 -7.10
N TRP A 5 7.11 12.73 -6.91
CA TRP A 5 6.31 12.58 -5.64
C TRP A 5 5.13 11.62 -5.86
N GLN A 6 4.86 11.22 -7.08
CA GLN A 6 3.72 10.29 -7.36
C GLN A 6 4.01 8.92 -6.76
N THR A 7 5.24 8.48 -6.79
CA THR A 7 5.61 7.13 -6.24
C THR A 7 5.46 7.13 -4.72
N VAL A 8 5.96 8.14 -4.05
CA VAL A 8 5.87 8.20 -2.55
C VAL A 8 4.41 8.38 -2.09
N THR A 9 3.68 9.29 -2.70
CA THR A 9 2.26 9.53 -2.28
C THR A 9 1.39 8.30 -2.54
N ILE A 10 1.54 7.67 -3.68
CA ILE A 10 0.69 6.46 -4.00
C ILE A 10 1.05 5.32 -3.04
N PHE A 11 2.33 5.18 -2.72
CA PHE A 11 2.77 4.09 -1.81
C PHE A 11 2.08 4.27 -0.45
N VAL A 12 2.09 5.48 0.08
CA VAL A 12 1.44 5.73 1.41
C VAL A 12 -0.07 5.54 1.28
N ALA A 13 -0.65 5.99 0.19
CA ALA A 13 -2.12 5.83 -0.02
C ALA A 13 -2.47 4.35 -0.03
N GLY A 14 -1.62 3.53 -0.60
CA GLY A 14 -1.88 2.06 -0.66
C GLY A 14 -1.87 1.48 0.76
N VAL A 15 -0.97 1.93 1.59
CA VAL A 15 -0.89 1.42 3.01
C VAL A 15 -2.13 1.92 3.76
N LEU A 16 -2.45 3.18 3.61
CA LEU A 16 -3.63 3.77 4.32
C LEU A 16 -4.91 3.09 3.83
N THR A 17 -5.02 2.87 2.54
CA THR A 17 -6.24 2.20 1.98
C THR A 17 -6.33 0.78 2.52
N ALA A 18 -5.23 0.07 2.51
CA ALA A 18 -5.21 -1.33 3.01
C ALA A 18 -5.67 -1.39 4.45
N SER A 19 -5.39 -0.36 5.23
CA SER A 19 -5.81 -0.34 6.66
C SER A 19 -7.34 -0.45 6.72
N LEU A 20 -8.02 0.37 5.94
CA LEU A 20 -9.51 0.36 5.93
C LEU A 20 -10.06 -0.98 5.40
N THR A 21 -9.46 -1.53 4.37
CA THR A 21 -9.97 -2.82 3.78
C THR A 21 -9.73 -3.99 4.72
N ILE A 22 -8.54 -4.11 5.25
CA ILE A 22 -8.21 -5.24 6.18
C ILE A 22 -9.03 -5.10 7.47
N TRP A 23 -9.14 -3.91 7.99
CA TRP A 23 -9.87 -3.67 9.26
C TRP A 23 -11.33 -4.14 9.14
N LYS A 24 -11.96 -3.92 8.01
CA LYS A 24 -13.40 -4.32 7.85
C LYS A 24 -13.54 -5.84 7.60
N LYS A 25 -12.51 -6.49 7.11
CA LYS A 25 -12.62 -7.97 6.83
C LYS A 25 -12.36 -8.79 8.10
N MET A 26 -11.59 -8.26 9.02
CA MET A 26 -11.32 -9.00 10.29
C MET A 26 -11.40 -8.04 11.48
N GLY A 27 -12.27 -7.06 11.38
CA GLY A 27 -12.44 -6.06 12.49
C GLY A 27 -11.11 -5.36 12.77
N GLY B 1 -8.14 4.71 -22.01
CA GLY B 1 -7.07 5.17 -21.08
C GLY B 1 -6.51 3.95 -20.32
N THR B 2 -5.27 3.59 -20.59
CA THR B 2 -4.64 2.42 -19.92
C THR B 2 -3.34 2.87 -19.24
N PRO B 3 -3.33 3.11 -17.91
CA PRO B 3 -2.08 3.55 -17.19
C PRO B 3 -1.02 2.45 -17.18
N THR B 4 0.23 2.82 -17.04
CA THR B 4 1.34 1.82 -17.01
C THR B 4 1.07 0.78 -15.92
N TRP B 5 1.87 -0.27 -15.88
CA TRP B 5 1.68 -1.34 -14.85
C TRP B 5 2.59 -1.08 -13.63
N GLN B 6 3.54 -0.18 -13.75
CA GLN B 6 4.46 0.11 -12.60
C GLN B 6 3.65 0.59 -11.39
N THR B 7 2.55 1.28 -11.62
CA THR B 7 1.69 1.78 -10.49
C THR B 7 1.04 0.58 -9.79
N VAL B 8 0.75 -0.47 -10.53
CA VAL B 8 0.12 -1.68 -9.93
C VAL B 8 1.12 -2.36 -9.00
N THR B 9 2.36 -2.46 -9.43
CA THR B 9 3.40 -3.15 -8.60
C THR B 9 3.66 -2.39 -7.30
N ILE B 10 3.78 -1.07 -7.37
CA ILE B 10 4.02 -0.27 -6.12
C ILE B 10 2.80 -0.37 -5.20
N PHE B 11 1.61 -0.36 -5.77
CA PHE B 11 0.37 -0.43 -4.94
C PHE B 11 0.35 -1.77 -4.18
N VAL B 12 0.62 -2.86 -4.88
CA VAL B 12 0.61 -4.20 -4.23
C VAL B 12 1.74 -4.29 -3.19
N ALA B 13 2.89 -3.75 -3.50
CA ALA B 13 4.04 -3.81 -2.54
C ALA B 13 3.65 -3.12 -1.22
N GLY B 14 2.94 -2.02 -1.30
CA GLY B 14 2.52 -1.29 -0.06
C GLY B 14 1.48 -2.10 0.69
N VAL B 15 0.55 -2.73 -0.01
CA VAL B 15 -0.52 -3.54 0.65
C VAL B 15 0.14 -4.76 1.31
N LEU B 16 1.06 -5.39 0.62
CA LEU B 16 1.74 -6.60 1.17
C LEU B 16 2.52 -6.20 2.43
N THR B 17 3.22 -5.07 2.38
CA THR B 17 4.00 -4.61 3.56
C THR B 17 3.06 -4.36 4.73
N ALA B 18 1.95 -3.72 4.47
CA ALA B 18 0.96 -3.42 5.56
C ALA B 18 0.37 -4.72 6.10
N SER B 19 0.18 -5.70 5.25
CA SER B 19 -0.41 -7.00 5.70
C SER B 19 0.51 -7.65 6.74
N LEU B 20 1.79 -7.75 6.44
CA LEU B 20 2.76 -8.39 7.39
C LEU B 20 2.86 -7.60 8.68
N THR B 21 2.88 -6.28 8.61
CA THR B 21 3.01 -5.44 9.85
C THR B 21 1.79 -5.65 10.75
N ILE B 22 0.62 -5.59 10.18
CA ILE B 22 -0.63 -5.77 10.98
C ILE B 22 -0.70 -7.21 11.51
N TRP B 23 -0.24 -8.15 10.73
CA TRP B 23 -0.30 -9.59 11.14
C TRP B 23 0.44 -9.80 12.47
N LYS B 24 1.62 -9.23 12.63
CA LYS B 24 2.40 -9.43 13.90
C LYS B 24 1.75 -8.66 15.05
N LYS B 25 1.06 -7.58 14.77
CA LYS B 25 0.41 -6.78 15.86
C LYS B 25 -0.87 -7.48 16.35
N MET B 26 -1.49 -8.27 15.50
CA MET B 26 -2.74 -9.00 15.92
C MET B 26 -2.38 -10.44 16.27
N GLY B 27 -1.19 -10.65 16.79
CA GLY B 27 -0.75 -12.03 17.17
C GLY B 27 0.57 -11.94 17.94
N GLY A 1 15.09 19.62 -4.36
CA GLY A 1 15.42 20.33 -5.62
C GLY A 1 14.51 19.83 -6.74
N THR A 2 14.27 18.53 -6.79
CA THR A 2 13.39 17.95 -7.84
C THR A 2 12.24 17.16 -7.16
N PRO A 3 10.97 17.58 -7.31
CA PRO A 3 9.83 16.85 -6.67
C PRO A 3 9.63 15.45 -7.24
N THR A 4 9.29 14.50 -6.41
CA THR A 4 9.07 13.10 -6.87
C THR A 4 8.27 12.34 -5.81
N TRP A 5 7.28 12.99 -5.23
CA TRP A 5 6.44 12.34 -4.15
C TRP A 5 5.30 11.53 -4.78
N GLN A 6 5.15 11.53 -6.09
CA GLN A 6 4.05 10.76 -6.74
C GLN A 6 4.15 9.28 -6.38
N THR A 7 5.34 8.72 -6.47
CA THR A 7 5.53 7.28 -6.14
C THR A 7 5.30 7.07 -4.64
N VAL A 8 5.77 7.99 -3.85
CA VAL A 8 5.60 7.90 -2.36
C VAL A 8 4.12 7.96 -2.03
N THR A 9 3.37 8.79 -2.73
CA THR A 9 1.90 8.93 -2.47
C THR A 9 1.21 7.59 -2.68
N ILE A 10 1.58 6.86 -3.70
CA ILE A 10 0.94 5.53 -3.97
C ILE A 10 1.28 4.56 -2.84
N PHE A 11 2.52 4.49 -2.44
CA PHE A 11 2.92 3.53 -1.37
C PHE A 11 2.14 3.84 -0.09
N VAL A 12 2.08 5.09 0.31
CA VAL A 12 1.34 5.47 1.56
C VAL A 12 -0.16 5.25 1.36
N ALA A 13 -0.69 5.70 0.24
CA ALA A 13 -2.15 5.55 -0.04
C ALA A 13 -2.52 4.07 -0.09
N GLY A 14 -1.67 3.25 -0.68
CA GLY A 14 -1.97 1.79 -0.77
C GLY A 14 -2.03 1.19 0.64
N VAL A 15 -1.12 1.57 1.51
CA VAL A 15 -1.11 1.01 2.91
C VAL A 15 -2.32 1.56 3.67
N LEU A 16 -2.57 2.85 3.52
CA LEU A 16 -3.73 3.49 4.24
C LEU A 16 -5.04 2.84 3.76
N THR A 17 -5.16 2.62 2.47
CA THR A 17 -6.41 2.00 1.92
C THR A 17 -6.54 0.58 2.47
N ALA A 18 -5.48 -0.19 2.43
CA ALA A 18 -5.53 -1.60 2.94
C ALA A 18 -5.84 -1.59 4.42
N SER A 19 -5.35 -0.62 5.16
CA SER A 19 -5.63 -0.55 6.63
C SER A 19 -7.14 -0.54 6.83
N LEU A 20 -7.86 0.18 5.97
CA LEU A 20 -9.34 0.28 6.08
C LEU A 20 -10.00 -1.09 5.84
N THR A 21 -9.52 -1.85 4.88
CA THR A 21 -10.15 -3.19 4.58
C THR A 21 -9.82 -4.20 5.66
N ILE A 22 -8.56 -4.29 6.03
CA ILE A 22 -8.14 -5.28 7.06
C ILE A 22 -8.81 -4.95 8.39
N TRP A 23 -8.76 -3.70 8.81
CA TRP A 23 -9.37 -3.30 10.11
C TRP A 23 -10.89 -3.54 10.07
N LYS A 24 -11.53 -3.16 8.99
CA LYS A 24 -13.01 -3.33 8.88
C LYS A 24 -13.35 -4.82 8.74
N LYS A 25 -12.52 -5.57 8.06
CA LYS A 25 -12.77 -7.04 7.87
C LYS A 25 -12.35 -7.82 9.11
N MET A 26 -11.44 -7.28 9.90
CA MET A 26 -10.97 -8.00 11.14
C MET A 26 -11.59 -7.33 12.39
N GLY A 27 -12.74 -6.72 12.25
CA GLY A 27 -13.41 -6.06 13.42
C GLY A 27 -14.11 -7.11 14.27
N GLY B 1 -6.15 -2.62 -23.09
CA GLY B 1 -4.80 -2.71 -23.71
C GLY B 1 -3.78 -3.11 -22.66
N THR B 2 -2.60 -2.51 -22.70
CA THR B 2 -1.53 -2.84 -21.71
C THR B 2 -1.18 -1.57 -20.90
N PRO B 3 -1.81 -1.34 -19.74
CA PRO B 3 -1.52 -0.13 -18.90
C PRO B 3 -0.17 -0.23 -18.21
N THR B 4 0.37 0.88 -17.76
CA THR B 4 1.69 0.88 -17.06
C THR B 4 1.61 -0.04 -15.84
N TRP B 5 2.61 -0.86 -15.63
CA TRP B 5 2.62 -1.79 -14.45
C TRP B 5 3.52 -1.26 -13.33
N GLN B 6 4.29 -0.23 -13.58
CA GLN B 6 5.20 0.33 -12.53
C GLN B 6 4.36 0.86 -11.36
N THR B 7 3.32 1.61 -11.66
CA THR B 7 2.44 2.16 -10.59
C THR B 7 1.65 1.03 -9.94
N VAL B 8 1.29 0.03 -10.71
CA VAL B 8 0.51 -1.12 -10.17
C VAL B 8 1.40 -1.92 -9.22
N THR B 9 2.65 -2.11 -9.58
CA THR B 9 3.57 -2.93 -8.72
C THR B 9 3.82 -2.26 -7.37
N ILE B 10 4.04 -0.96 -7.34
CA ILE B 10 4.28 -0.27 -6.03
C ILE B 10 3.00 -0.32 -5.19
N PHE B 11 1.86 -0.08 -5.81
CA PHE B 11 0.55 -0.12 -5.06
C PHE B 11 0.37 -1.50 -4.44
N VAL B 12 0.59 -2.55 -5.20
CA VAL B 12 0.41 -3.94 -4.66
C VAL B 12 1.46 -4.18 -3.57
N ALA B 13 2.68 -3.72 -3.76
CA ALA B 13 3.75 -3.93 -2.74
C ALA B 13 3.32 -3.28 -1.43
N GLY B 14 2.67 -2.14 -1.50
CA GLY B 14 2.22 -1.44 -0.26
C GLY B 14 1.14 -2.27 0.43
N VAL B 15 0.25 -2.89 -0.32
CA VAL B 15 -0.82 -3.72 0.29
C VAL B 15 -0.18 -4.96 0.91
N LEU B 16 0.74 -5.58 0.21
CA LEU B 16 1.42 -6.80 0.75
C LEU B 16 2.18 -6.41 2.02
N THR B 17 2.86 -5.29 2.00
CA THR B 17 3.61 -4.83 3.21
C THR B 17 2.61 -4.53 4.33
N ALA B 18 1.48 -3.96 3.98
CA ALA B 18 0.44 -3.60 5.00
C ALA B 18 0.00 -4.84 5.78
N SER B 19 -0.09 -5.99 5.15
CA SER B 19 -0.53 -7.22 5.88
C SER B 19 0.58 -7.61 6.86
N LEU B 20 1.80 -7.55 6.41
CA LEU B 20 2.97 -7.91 7.26
C LEU B 20 3.11 -6.97 8.45
N THR B 21 2.96 -5.68 8.25
CA THR B 21 3.12 -4.71 9.38
C THR B 21 1.91 -4.75 10.32
N ILE B 22 0.71 -4.71 9.76
CA ILE B 22 -0.51 -4.72 10.61
C ILE B 22 -0.64 -6.06 11.34
N TRP B 23 -0.40 -7.16 10.65
CA TRP B 23 -0.53 -8.50 11.30
C TRP B 23 0.40 -8.58 12.51
N LYS B 24 1.59 -8.04 12.40
CA LYS B 24 2.57 -8.09 13.53
C LYS B 24 2.21 -7.05 14.60
N LYS B 25 1.57 -5.97 14.22
CA LYS B 25 1.23 -4.89 15.21
C LYS B 25 -0.26 -4.91 15.57
N MET B 26 -1.01 -5.91 15.15
CA MET B 26 -2.47 -5.95 15.49
C MET B 26 -2.71 -6.93 16.65
N GLY B 27 -1.74 -7.08 17.52
CA GLY B 27 -1.88 -8.01 18.69
C GLY B 27 -2.21 -9.41 18.18
N GLY A 1 14.38 20.98 -12.35
CA GLY A 1 14.30 21.03 -10.87
C GLY A 1 12.83 21.01 -10.43
N THR A 2 12.11 19.99 -10.81
CA THR A 2 10.65 19.90 -10.44
C THR A 2 10.39 18.56 -9.71
N PRO A 3 10.48 18.52 -8.38
CA PRO A 3 10.23 17.26 -7.60
C PRO A 3 8.77 16.82 -7.69
N THR A 4 8.52 15.53 -7.64
CA THR A 4 7.11 15.02 -7.72
C THR A 4 6.83 14.14 -6.51
N TRP A 5 5.67 14.33 -5.90
CA TRP A 5 5.29 13.51 -4.68
C TRP A 5 4.35 12.36 -5.08
N GLN A 6 3.97 12.27 -6.34
CA GLN A 6 3.02 11.20 -6.79
C GLN A 6 3.59 9.82 -6.46
N THR A 7 4.90 9.65 -6.53
CA THR A 7 5.51 8.32 -6.24
C THR A 7 5.34 7.97 -4.76
N VAL A 8 5.67 8.88 -3.88
CA VAL A 8 5.55 8.60 -2.42
C VAL A 8 4.07 8.50 -2.02
N THR A 9 3.22 9.33 -2.58
CA THR A 9 1.77 9.32 -2.22
C THR A 9 1.09 8.01 -2.65
N ILE A 10 1.44 7.47 -3.81
CA ILE A 10 0.77 6.21 -4.27
C ILE A 10 1.13 5.06 -3.32
N PHE A 11 2.38 4.99 -2.88
CA PHE A 11 2.80 3.90 -1.95
C PHE A 11 2.04 4.05 -0.63
N VAL A 12 1.95 5.27 -0.14
CA VAL A 12 1.24 5.52 1.16
C VAL A 12 -0.25 5.25 0.97
N ALA A 13 -0.82 5.63 -0.15
CA ALA A 13 -2.27 5.41 -0.40
C ALA A 13 -2.58 3.92 -0.33
N GLY A 14 -1.71 3.09 -0.87
CA GLY A 14 -1.92 1.61 -0.84
C GLY A 14 -1.91 1.12 0.60
N VAL A 15 -0.98 1.61 1.40
CA VAL A 15 -0.90 1.17 2.84
C VAL A 15 -2.15 1.66 3.57
N LEU A 16 -2.52 2.90 3.33
CA LEU A 16 -3.72 3.48 4.01
C LEU A 16 -4.97 2.72 3.60
N THR A 17 -5.10 2.40 2.33
CA THR A 17 -6.30 1.65 1.84
C THR A 17 -6.41 0.31 2.56
N ALA A 18 -5.30 -0.35 2.79
CA ALA A 18 -5.33 -1.67 3.48
C ALA A 18 -5.69 -1.53 4.94
N SER A 19 -5.21 -0.48 5.59
CA SER A 19 -5.53 -0.27 7.03
C SER A 19 -7.05 -0.17 7.20
N LEU A 20 -7.67 0.60 6.36
CA LEU A 20 -9.16 0.79 6.42
C LEU A 20 -9.91 -0.51 6.14
N THR A 21 -9.48 -1.28 5.16
CA THR A 21 -10.21 -2.55 4.82
C THR A 21 -10.04 -3.58 5.93
N ILE A 22 -8.83 -3.78 6.39
CA ILE A 22 -8.58 -4.79 7.46
C ILE A 22 -9.24 -4.31 8.76
N TRP A 23 -8.97 -3.09 9.14
CA TRP A 23 -9.54 -2.54 10.41
C TRP A 23 -11.07 -2.54 10.34
N LYS A 24 -11.62 -2.21 9.20
CA LYS A 24 -13.12 -2.16 9.05
C LYS A 24 -13.71 -3.56 8.88
N LYS A 25 -12.93 -4.52 8.43
CA LYS A 25 -13.48 -5.90 8.22
C LYS A 25 -13.23 -6.79 9.43
N MET A 26 -12.18 -6.52 10.19
CA MET A 26 -11.89 -7.35 11.41
C MET A 26 -11.54 -6.43 12.58
N GLY A 27 -12.15 -5.27 12.64
CA GLY A 27 -11.89 -4.30 13.76
C GLY A 27 -10.39 -4.05 13.89
N GLY B 1 -1.15 7.48 -19.31
CA GLY B 1 -2.14 7.02 -20.34
C GLY B 1 -2.34 5.52 -20.19
N THR B 2 -1.32 4.74 -20.51
CA THR B 2 -1.43 3.25 -20.41
C THR B 2 -0.79 2.80 -19.08
N PRO B 3 -1.38 1.85 -18.35
CA PRO B 3 -0.80 1.38 -17.05
C PRO B 3 0.51 0.62 -17.25
N THR B 4 1.42 0.73 -16.31
CA THR B 4 2.74 0.04 -16.43
C THR B 4 2.92 -0.91 -15.25
N TRP B 5 3.83 -1.85 -15.38
CA TRP B 5 4.08 -2.83 -14.27
C TRP B 5 4.53 -2.08 -13.01
N GLN B 6 5.27 -1.01 -13.17
CA GLN B 6 5.77 -0.24 -11.98
C GLN B 6 4.59 0.26 -11.15
N THR B 7 3.48 0.58 -11.78
CA THR B 7 2.28 1.07 -11.03
C THR B 7 1.68 -0.08 -10.24
N VAL B 8 1.64 -1.24 -10.82
CA VAL B 8 1.07 -2.44 -10.12
C VAL B 8 1.99 -2.83 -8.97
N THR B 9 3.28 -2.85 -9.22
CA THR B 9 4.27 -3.25 -8.18
C THR B 9 4.28 -2.26 -7.02
N ILE B 10 4.25 -0.97 -7.29
CA ILE B 10 4.30 0.05 -6.19
C ILE B 10 3.02 -0.03 -5.34
N PHE B 11 1.86 -0.08 -5.97
CA PHE B 11 0.57 -0.14 -5.21
C PHE B 11 0.47 -1.48 -4.49
N VAL B 12 0.76 -2.57 -5.18
CA VAL B 12 0.67 -3.93 -4.56
C VAL B 12 1.71 -4.05 -3.45
N ALA B 13 2.90 -3.51 -3.64
CA ALA B 13 3.96 -3.62 -2.59
C ALA B 13 3.48 -2.96 -1.31
N GLY B 14 2.77 -1.85 -1.41
CA GLY B 14 2.28 -1.15 -0.19
C GLY B 14 1.18 -1.97 0.49
N VAL B 15 0.27 -2.55 -0.28
CA VAL B 15 -0.84 -3.36 0.32
C VAL B 15 -0.27 -4.64 0.91
N LEU B 16 0.61 -5.29 0.19
CA LEU B 16 1.22 -6.57 0.67
C LEU B 16 2.04 -6.31 1.93
N THR B 17 2.81 -5.23 1.95
CA THR B 17 3.63 -4.90 3.15
C THR B 17 2.72 -4.61 4.34
N ALA B 18 1.66 -3.87 4.11
CA ALA B 18 0.71 -3.53 5.22
C ALA B 18 0.14 -4.81 5.83
N SER B 19 -0.16 -5.79 5.01
CA SER B 19 -0.73 -7.08 5.53
C SER B 19 0.30 -7.76 6.43
N LEU B 20 1.54 -7.77 6.03
CA LEU B 20 2.63 -8.43 6.82
C LEU B 20 2.81 -7.74 8.17
N THR B 21 2.78 -6.43 8.21
CA THR B 21 3.02 -5.69 9.50
C THR B 21 1.87 -5.93 10.47
N ILE B 22 0.64 -5.79 9.99
CA ILE B 22 -0.54 -5.99 10.87
C ILE B 22 -0.60 -7.45 11.32
N TRP B 23 -0.52 -8.37 10.38
CA TRP B 23 -0.59 -9.82 10.72
C TRP B 23 0.57 -10.21 11.63
N LYS B 24 1.76 -9.76 11.32
CA LYS B 24 2.95 -10.10 12.17
C LYS B 24 2.78 -9.49 13.56
N LYS B 25 2.27 -8.28 13.63
CA LYS B 25 2.08 -7.61 14.95
C LYS B 25 0.86 -8.18 15.68
N MET B 26 -0.10 -8.69 14.95
CA MET B 26 -1.34 -9.26 15.58
C MET B 26 -1.18 -10.78 15.72
N GLY B 27 0.03 -11.26 15.90
CA GLY B 27 0.26 -12.73 16.05
C GLY B 27 1.61 -12.97 16.72
N GLY A 1 19.68 9.07 -0.03
CA GLY A 1 18.53 8.53 -0.80
C GLY A 1 17.60 9.68 -1.20
N THR A 2 17.32 9.81 -2.48
CA THR A 2 16.41 10.90 -2.96
C THR A 2 15.13 10.27 -3.56
N PRO A 3 14.14 9.93 -2.72
CA PRO A 3 12.86 9.32 -3.21
C PRO A 3 11.93 10.35 -3.84
N THR A 4 11.03 9.91 -4.70
CA THR A 4 10.07 10.85 -5.35
C THR A 4 8.82 10.94 -4.49
N TRP A 5 8.31 12.15 -4.28
CA TRP A 5 7.09 12.34 -3.43
C TRP A 5 5.92 11.56 -4.03
N GLN A 6 5.83 11.51 -5.34
CA GLN A 6 4.71 10.77 -6.00
C GLN A 6 4.74 9.31 -5.57
N THR A 7 5.92 8.75 -5.39
CA THR A 7 6.04 7.32 -4.96
C THR A 7 5.58 7.18 -3.51
N VAL A 8 5.89 8.16 -2.69
CA VAL A 8 5.50 8.11 -1.25
C VAL A 8 3.98 8.25 -1.14
N THR A 9 3.41 9.18 -1.88
CA THR A 9 1.93 9.42 -1.80
C THR A 9 1.14 8.21 -2.31
N ILE A 10 1.54 7.61 -3.41
CA ILE A 10 0.79 6.43 -3.96
C ILE A 10 0.92 5.25 -3.00
N PHE A 11 2.10 5.01 -2.47
CA PHE A 11 2.30 3.86 -1.53
C PHE A 11 1.42 4.04 -0.30
N VAL A 12 1.42 5.23 0.27
CA VAL A 12 0.59 5.49 1.50
C VAL A 12 -0.89 5.27 1.19
N ALA A 13 -1.35 5.69 0.02
CA ALA A 13 -2.79 5.51 -0.34
C ALA A 13 -3.13 4.02 -0.32
N GLY A 14 -2.22 3.18 -0.77
CA GLY A 14 -2.47 1.71 -0.78
C GLY A 14 -2.53 1.19 0.65
N VAL A 15 -1.68 1.68 1.53
CA VAL A 15 -1.67 1.22 2.96
C VAL A 15 -2.95 1.71 3.64
N LEU A 16 -3.32 2.94 3.39
CA LEU A 16 -4.53 3.54 4.02
C LEU A 16 -5.79 2.79 3.61
N THR A 17 -5.91 2.42 2.35
CA THR A 17 -7.13 1.69 1.88
C THR A 17 -7.18 0.30 2.51
N ALA A 18 -6.09 -0.41 2.47
CA ALA A 18 -6.04 -1.78 3.06
C ALA A 18 -6.25 -1.70 4.57
N SER A 19 -5.75 -0.65 5.19
CA SER A 19 -5.91 -0.49 6.66
C SER A 19 -7.40 -0.47 7.00
N LEU A 20 -8.22 0.11 6.13
CA LEU A 20 -9.69 0.20 6.40
C LEU A 20 -10.34 -1.20 6.45
N THR A 21 -9.99 -2.09 5.55
CA THR A 21 -10.64 -3.45 5.55
C THR A 21 -10.10 -4.31 6.69
N ILE A 22 -8.80 -4.35 6.87
CA ILE A 22 -8.18 -5.18 7.95
C ILE A 22 -8.57 -4.60 9.32
N TRP A 23 -8.46 -3.30 9.49
CA TRP A 23 -8.78 -2.67 10.81
C TRP A 23 -10.25 -2.95 11.18
N LYS A 24 -11.11 -3.11 10.21
CA LYS A 24 -12.56 -3.36 10.50
C LYS A 24 -12.69 -4.67 11.29
N LYS A 25 -11.91 -5.67 10.95
CA LYS A 25 -11.98 -6.98 11.68
C LYS A 25 -11.01 -6.99 12.86
N MET A 26 -10.29 -5.91 13.10
CA MET A 26 -9.34 -5.85 14.24
C MET A 26 -9.89 -4.91 15.32
N GLY A 27 -11.01 -5.29 15.91
CA GLY A 27 -11.64 -4.44 16.97
C GLY A 27 -13.03 -4.99 17.31
N GLY B 1 0.09 1.71 -26.47
CA GLY B 1 1.50 1.28 -26.70
C GLY B 1 1.88 0.23 -25.66
N THR B 2 3.02 0.40 -25.02
CA THR B 2 3.49 -0.59 -24.00
C THR B 2 3.81 0.14 -22.69
N PRO B 3 2.86 0.27 -21.75
CA PRO B 3 3.12 0.98 -20.46
C PRO B 3 3.97 0.15 -19.51
N THR B 4 4.62 0.78 -18.55
CA THR B 4 5.49 0.05 -17.58
C THR B 4 4.60 -0.62 -16.52
N TRP B 5 5.09 -1.67 -15.92
CA TRP B 5 4.29 -2.39 -14.86
C TRP B 5 4.75 -1.98 -13.45
N GLN B 6 5.77 -1.14 -13.35
CA GLN B 6 6.28 -0.71 -12.01
C GLN B 6 5.20 0.07 -11.25
N THR B 7 4.36 0.80 -11.95
CA THR B 7 3.28 1.59 -11.26
C THR B 7 2.31 0.63 -10.57
N VAL B 8 1.84 -0.38 -11.27
CA VAL B 8 0.89 -1.37 -10.65
C VAL B 8 1.63 -2.19 -9.59
N THR B 9 2.87 -2.54 -9.85
CA THR B 9 3.67 -3.36 -8.88
C THR B 9 3.92 -2.58 -7.59
N ILE B 10 4.22 -1.30 -7.70
CA ILE B 10 4.51 -0.49 -6.47
C ILE B 10 3.25 -0.42 -5.60
N PHE B 11 2.10 -0.22 -6.21
CA PHE B 11 0.82 -0.12 -5.44
C PHE B 11 0.49 -1.48 -4.82
N VAL B 12 0.60 -2.55 -5.58
CA VAL B 12 0.27 -3.92 -5.07
C VAL B 12 1.29 -4.32 -3.99
N ALA B 13 2.55 -4.00 -4.17
CA ALA B 13 3.59 -4.37 -3.16
C ALA B 13 3.30 -3.66 -1.85
N GLY B 14 2.84 -2.44 -1.89
CA GLY B 14 2.53 -1.69 -0.62
C GLY B 14 1.35 -2.34 0.09
N VAL B 15 0.36 -2.80 -0.66
CA VAL B 15 -0.83 -3.44 -0.02
C VAL B 15 -0.41 -4.79 0.56
N LEU B 16 0.34 -5.56 -0.19
CA LEU B 16 0.80 -6.91 0.29
C LEU B 16 1.78 -6.74 1.45
N THR B 17 2.69 -5.81 1.32
CA THR B 17 3.69 -5.56 2.41
C THR B 17 3.00 -4.95 3.62
N ALA B 18 2.05 -4.08 3.40
CA ALA B 18 1.34 -3.43 4.54
C ALA B 18 0.70 -4.49 5.42
N SER B 19 -0.04 -5.41 4.84
CA SER B 19 -0.71 -6.49 5.65
C SER B 19 0.32 -7.16 6.55
N LEU B 20 1.46 -7.49 5.99
CA LEU B 20 2.54 -8.16 6.79
C LEU B 20 3.05 -7.25 7.91
N THR B 21 3.21 -5.96 7.63
CA THR B 21 3.75 -5.02 8.66
C THR B 21 2.77 -4.75 9.79
N ILE B 22 1.52 -4.47 9.49
CA ILE B 22 0.54 -4.16 10.59
C ILE B 22 0.28 -5.38 11.43
N TRP B 23 0.16 -6.52 10.81
CA TRP B 23 -0.15 -7.76 11.57
C TRP B 23 0.93 -7.99 12.64
N LYS B 24 2.17 -7.66 12.34
CA LYS B 24 3.28 -7.86 13.31
C LYS B 24 3.09 -6.96 14.53
N LYS B 25 2.64 -5.74 14.32
CA LYS B 25 2.44 -4.78 15.47
C LYS B 25 1.01 -4.88 16.01
N MET B 26 0.10 -5.46 15.28
CA MET B 26 -1.33 -5.58 15.75
C MET B 26 -1.51 -6.93 16.47
N GLY B 27 -0.48 -7.42 17.11
CA GLY B 27 -0.58 -8.73 17.84
C GLY B 27 -0.67 -8.47 19.34
N GLY A 1 17.27 15.94 -5.39
CA GLY A 1 17.01 17.40 -5.21
C GLY A 1 15.60 17.59 -4.67
N THR A 2 14.62 17.61 -5.55
CA THR A 2 13.20 17.79 -5.11
C THR A 2 12.35 16.62 -5.67
N PRO A 3 12.14 15.54 -4.91
CA PRO A 3 11.33 14.37 -5.39
C PRO A 3 9.85 14.75 -5.57
N THR A 4 9.18 14.09 -6.48
CA THR A 4 7.73 14.37 -6.72
C THR A 4 6.89 13.69 -5.66
N TRP A 5 5.65 14.08 -5.53
CA TRP A 5 4.76 13.46 -4.49
C TRP A 5 3.86 12.38 -5.11
N GLN A 6 3.92 12.17 -6.41
CA GLN A 6 3.06 11.12 -7.06
C GLN A 6 3.45 9.73 -6.55
N THR A 7 4.73 9.44 -6.53
CA THR A 7 5.19 8.09 -6.06
C THR A 7 4.98 7.98 -4.55
N VAL A 8 5.20 9.05 -3.84
CA VAL A 8 5.04 9.04 -2.35
C VAL A 8 3.57 8.88 -1.99
N THR A 9 2.70 9.60 -2.68
CA THR A 9 1.23 9.55 -2.38
C THR A 9 0.64 8.16 -2.68
N ILE A 10 1.00 7.55 -3.79
CA ILE A 10 0.43 6.21 -4.13
C ILE A 10 0.91 5.14 -3.13
N PHE A 11 2.16 5.18 -2.75
CA PHE A 11 2.69 4.17 -1.78
C PHE A 11 1.93 4.29 -0.46
N VAL A 12 1.78 5.50 0.03
CA VAL A 12 1.04 5.74 1.32
C VAL A 12 -0.43 5.39 1.09
N ALA A 13 -0.96 5.75 -0.06
CA ALA A 13 -2.40 5.49 -0.37
C ALA A 13 -2.70 3.99 -0.29
N GLY A 14 -1.81 3.16 -0.77
CA GLY A 14 -2.03 1.68 -0.71
C GLY A 14 -2.01 1.21 0.74
N VAL A 15 -1.10 1.72 1.54
CA VAL A 15 -1.01 1.31 2.98
C VAL A 15 -2.25 1.83 3.72
N LEU A 16 -2.62 3.05 3.47
CA LEU A 16 -3.80 3.66 4.16
C LEU A 16 -5.09 2.97 3.74
N THR A 17 -5.24 2.69 2.46
CA THR A 17 -6.50 2.04 1.96
C THR A 17 -6.68 0.68 2.63
N ALA A 18 -5.64 -0.13 2.66
CA ALA A 18 -5.74 -1.48 3.28
C ALA A 18 -5.88 -1.35 4.79
N SER A 19 -5.28 -0.33 5.36
CA SER A 19 -5.39 -0.12 6.84
C SER A 19 -6.86 0.00 7.22
N LEU A 20 -7.64 0.70 6.43
CA LEU A 20 -9.09 0.90 6.74
C LEU A 20 -9.85 -0.42 6.72
N THR A 21 -9.60 -1.29 5.75
CA THR A 21 -10.36 -2.58 5.68
C THR A 21 -9.92 -3.54 6.78
N ILE A 22 -8.62 -3.70 6.96
CA ILE A 22 -8.10 -4.63 8.02
C ILE A 22 -8.45 -4.08 9.41
N TRP A 23 -8.15 -2.82 9.65
CA TRP A 23 -8.41 -2.22 10.99
C TRP A 23 -9.89 -2.33 11.34
N LYS A 24 -10.76 -2.18 10.36
CA LYS A 24 -12.23 -2.26 10.63
C LYS A 24 -12.59 -3.65 11.17
N LYS A 25 -11.93 -4.68 10.70
CA LYS A 25 -12.25 -6.07 11.17
C LYS A 25 -11.45 -6.43 12.43
N MET A 26 -10.62 -5.54 12.93
CA MET A 26 -9.81 -5.84 14.16
C MET A 26 -10.60 -5.43 15.41
N GLY A 27 -11.91 -5.34 15.31
CA GLY A 27 -12.75 -4.96 16.48
C GLY A 27 -13.38 -3.59 16.22
N GLY B 1 -3.88 -6.69 -24.62
CA GLY B 1 -3.19 -5.46 -24.13
C GLY B 1 -1.96 -5.86 -23.30
N THR B 2 -0.93 -5.06 -23.34
CA THR B 2 0.31 -5.38 -22.55
C THR B 2 0.41 -4.39 -21.37
N PRO B 3 -0.12 -4.73 -20.19
CA PRO B 3 -0.06 -3.82 -19.00
C PRO B 3 1.36 -3.70 -18.44
N THR B 4 1.62 -2.67 -17.67
CA THR B 4 2.99 -2.48 -17.09
C THR B 4 3.01 -3.04 -15.66
N TRP B 5 4.16 -3.50 -15.22
CA TRP B 5 4.27 -4.08 -13.84
C TRP B 5 4.89 -3.05 -12.87
N GLN B 6 5.51 -2.01 -13.38
CA GLN B 6 6.15 -0.99 -12.49
C GLN B 6 5.10 -0.36 -11.57
N THR B 7 3.95 0.01 -12.11
CA THR B 7 2.87 0.62 -11.28
C THR B 7 2.27 -0.44 -10.36
N VAL B 8 2.21 -1.66 -10.83
CA VAL B 8 1.63 -2.78 -10.02
C VAL B 8 2.54 -3.08 -8.83
N THR B 9 3.82 -3.05 -9.03
CA THR B 9 4.79 -3.36 -7.92
C THR B 9 4.67 -2.29 -6.82
N ILE B 10 4.59 -1.04 -7.20
CA ILE B 10 4.51 0.06 -6.17
C ILE B 10 3.17 -0.04 -5.40
N PHE B 11 2.07 -0.18 -6.11
CA PHE B 11 0.73 -0.26 -5.43
C PHE B 11 0.62 -1.56 -4.63
N VAL B 12 0.99 -2.67 -5.23
CA VAL B 12 0.90 -4.00 -4.54
C VAL B 12 1.90 -4.06 -3.39
N ALA B 13 3.10 -3.53 -3.56
CA ALA B 13 4.13 -3.58 -2.47
C ALA B 13 3.60 -2.85 -1.24
N GLY B 14 2.90 -1.75 -1.43
CA GLY B 14 2.36 -0.98 -0.25
C GLY B 14 1.29 -1.80 0.46
N VAL B 15 0.39 -2.42 -0.29
CA VAL B 15 -0.69 -3.24 0.34
C VAL B 15 -0.07 -4.50 0.95
N LEU B 16 0.88 -5.09 0.28
CA LEU B 16 1.53 -6.34 0.79
C LEU B 16 2.22 -6.05 2.13
N THR B 17 2.90 -4.94 2.23
CA THR B 17 3.61 -4.58 3.50
C THR B 17 2.59 -4.42 4.62
N ALA B 18 1.52 -3.69 4.36
CA ALA B 18 0.48 -3.46 5.41
C ALA B 18 -0.20 -4.77 5.79
N SER B 19 -0.49 -5.63 4.83
CA SER B 19 -1.18 -6.92 5.13
C SER B 19 -0.22 -7.83 5.90
N LEU B 20 0.98 -7.99 5.40
CA LEU B 20 1.99 -8.87 6.05
C LEU B 20 2.37 -8.36 7.44
N THR B 21 2.55 -7.07 7.61
CA THR B 21 2.97 -6.53 8.96
C THR B 21 1.83 -6.66 9.96
N ILE B 22 0.64 -6.27 9.58
CA ILE B 22 -0.53 -6.35 10.50
C ILE B 22 -0.86 -7.83 10.76
N TRP B 23 -0.89 -8.62 9.71
CA TRP B 23 -1.26 -10.07 9.84
C TRP B 23 -0.31 -10.79 10.81
N LYS B 24 0.98 -10.57 10.71
CA LYS B 24 1.96 -11.27 11.61
C LYS B 24 1.81 -10.76 13.06
N LYS B 25 1.29 -9.56 13.23
CA LYS B 25 1.12 -8.99 14.61
C LYS B 25 -0.20 -9.48 15.23
N MET B 26 -1.10 -10.05 14.44
CA MET B 26 -2.40 -10.54 15.00
C MET B 26 -2.17 -11.74 15.92
N GLY B 27 -1.11 -12.47 15.69
CA GLY B 27 -0.79 -13.66 16.54
C GLY B 27 0.03 -13.23 17.74
N GLY A 1 14.60 22.11 -4.36
CA GLY A 1 13.66 21.30 -5.19
C GLY A 1 12.87 20.34 -4.31
N THR A 2 11.68 19.99 -4.72
CA THR A 2 10.84 19.05 -3.92
C THR A 2 10.99 17.62 -4.47
N PRO A 3 11.11 16.58 -3.65
CA PRO A 3 11.25 15.18 -4.15
C PRO A 3 9.98 14.69 -4.85
N THR A 4 10.09 13.66 -5.66
CA THR A 4 8.90 13.12 -6.39
C THR A 4 7.75 12.88 -5.40
N TRP A 5 6.67 13.61 -5.57
CA TRP A 5 5.50 13.46 -4.64
C TRP A 5 4.57 12.35 -5.13
N GLN A 6 4.66 11.97 -6.39
CA GLN A 6 3.77 10.90 -6.96
C GLN A 6 4.11 9.55 -6.32
N THR A 7 5.38 9.25 -6.15
CA THR A 7 5.78 7.94 -5.55
C THR A 7 5.23 7.82 -4.14
N VAL A 8 5.39 8.84 -3.34
CA VAL A 8 4.89 8.81 -1.93
C VAL A 8 3.36 8.79 -1.89
N THR A 9 2.71 9.53 -2.77
CA THR A 9 1.21 9.58 -2.77
C THR A 9 0.60 8.22 -3.10
N ILE A 10 1.12 7.52 -4.09
CA ILE A 10 0.54 6.18 -4.45
C ILE A 10 0.78 5.18 -3.32
N PHE A 11 1.98 5.19 -2.75
CA PHE A 11 2.32 4.25 -1.63
C PHE A 11 1.42 4.53 -0.43
N VAL A 12 1.28 5.79 -0.08
CA VAL A 12 0.43 6.17 1.10
C VAL A 12 -1.03 5.81 0.82
N ALA A 13 -1.51 6.02 -0.39
CA ALA A 13 -2.93 5.71 -0.72
C ALA A 13 -3.20 4.21 -0.60
N GLY A 14 -2.26 3.38 -1.05
CA GLY A 14 -2.45 1.90 -0.99
C GLY A 14 -2.35 1.41 0.46
N VAL A 15 -1.39 1.88 1.21
CA VAL A 15 -1.23 1.44 2.63
C VAL A 15 -2.39 1.97 3.45
N LEU A 16 -2.75 3.22 3.25
CA LEU A 16 -3.86 3.84 4.03
C LEU A 16 -5.18 3.13 3.74
N THR A 17 -5.45 2.82 2.48
CA THR A 17 -6.75 2.14 2.13
C THR A 17 -6.81 0.76 2.77
N ALA A 18 -5.75 -0.02 2.65
CA ALA A 18 -5.74 -1.39 3.24
C ALA A 18 -5.86 -1.30 4.75
N SER A 19 -5.29 -0.28 5.35
CA SER A 19 -5.38 -0.11 6.83
C SER A 19 -6.85 -0.01 7.23
N LEU A 20 -7.65 0.68 6.43
CA LEU A 20 -9.10 0.85 6.76
C LEU A 20 -9.85 -0.49 6.74
N THR A 21 -9.57 -1.36 5.78
CA THR A 21 -10.31 -2.66 5.71
C THR A 21 -9.82 -3.63 6.80
N ILE A 22 -8.52 -3.77 6.95
CA ILE A 22 -7.97 -4.71 7.97
C ILE A 22 -8.34 -4.25 9.37
N TRP A 23 -8.14 -2.99 9.69
CA TRP A 23 -8.45 -2.48 11.06
C TRP A 23 -9.96 -2.55 11.31
N LYS A 24 -10.75 -2.14 10.35
CA LYS A 24 -12.24 -2.16 10.50
C LYS A 24 -12.73 -3.60 10.65
N LYS A 25 -12.15 -4.52 9.92
CA LYS A 25 -12.58 -5.96 10.01
C LYS A 25 -11.93 -6.62 11.22
N MET A 26 -10.78 -6.14 11.64
CA MET A 26 -10.08 -6.74 12.82
C MET A 26 -10.33 -5.85 14.05
N GLY A 27 -11.59 -5.55 14.32
CA GLY A 27 -11.94 -4.70 15.49
C GLY A 27 -13.30 -4.05 15.28
N GLY B 1 -0.71 0.77 -24.83
CA GLY B 1 -1.02 -0.68 -24.81
C GLY B 1 -1.18 -1.15 -23.36
N THR B 2 -0.08 -1.30 -22.66
CA THR B 2 -0.13 -1.75 -21.23
C THR B 2 0.75 -0.83 -20.37
N PRO B 3 0.33 -0.40 -19.18
CA PRO B 3 1.16 0.50 -18.31
C PRO B 3 2.40 -0.23 -17.79
N THR B 4 3.41 0.52 -17.39
CA THR B 4 4.68 -0.10 -16.88
C THR B 4 4.34 -0.94 -15.65
N TRP B 5 5.09 -2.00 -15.44
CA TRP B 5 4.85 -2.90 -14.26
C TRP B 5 5.25 -2.20 -12.96
N GLN B 6 6.13 -1.21 -13.03
CA GLN B 6 6.59 -0.50 -11.81
C GLN B 6 5.41 0.14 -11.08
N THR B 7 4.45 0.67 -11.82
CA THR B 7 3.27 1.34 -11.17
C THR B 7 2.42 0.31 -10.42
N VAL B 8 2.11 -0.80 -11.06
CA VAL B 8 1.27 -1.85 -10.38
C VAL B 8 2.05 -2.50 -9.25
N THR B 9 3.33 -2.73 -9.46
CA THR B 9 4.20 -3.39 -8.43
C THR B 9 4.26 -2.55 -7.16
N ILE B 10 4.41 -1.24 -7.30
CA ILE B 10 4.53 -0.37 -6.09
C ILE B 10 3.22 -0.39 -5.29
N PHE B 11 2.09 -0.34 -5.97
CA PHE B 11 0.77 -0.35 -5.25
C PHE B 11 0.55 -1.69 -4.56
N VAL B 12 0.78 -2.79 -5.27
CA VAL B 12 0.56 -4.15 -4.66
C VAL B 12 1.57 -4.38 -3.55
N ALA B 13 2.79 -3.96 -3.75
CA ALA B 13 3.86 -4.16 -2.71
C ALA B 13 3.46 -3.46 -1.42
N GLY B 14 2.81 -2.31 -1.52
CA GLY B 14 2.39 -1.57 -0.29
C GLY B 14 1.30 -2.35 0.43
N VAL B 15 0.35 -2.90 -0.29
CA VAL B 15 -0.75 -3.69 0.36
C VAL B 15 -0.16 -4.99 0.90
N LEU B 16 0.72 -5.61 0.15
CA LEU B 16 1.35 -6.89 0.59
C LEU B 16 2.17 -6.62 1.84
N THR B 17 2.92 -5.53 1.87
CA THR B 17 3.75 -5.20 3.06
C THR B 17 2.84 -4.83 4.22
N ALA B 18 1.82 -4.04 3.95
CA ALA B 18 0.87 -3.61 5.03
C ALA B 18 0.17 -4.82 5.63
N SER B 19 -0.13 -5.83 4.84
CA SER B 19 -0.81 -7.05 5.36
C SER B 19 0.16 -7.81 6.26
N LEU B 20 1.38 -7.89 5.83
CA LEU B 20 2.45 -8.61 6.60
C LEU B 20 2.71 -7.96 7.95
N THR B 21 2.81 -6.65 8.01
CA THR B 21 3.09 -5.96 9.31
C THR B 21 1.92 -6.15 10.27
N ILE B 22 0.71 -5.93 9.80
CA ILE B 22 -0.49 -6.08 10.68
C ILE B 22 -0.67 -7.55 11.08
N TRP B 23 -0.63 -8.46 10.14
CA TRP B 23 -0.83 -9.91 10.45
C TRP B 23 0.23 -10.35 11.46
N LYS B 24 1.47 -9.95 11.25
CA LYS B 24 2.56 -10.35 12.20
C LYS B 24 2.32 -9.72 13.57
N LYS B 25 1.82 -8.51 13.59
CA LYS B 25 1.55 -7.81 14.90
C LYS B 25 0.24 -8.32 15.50
N MET B 26 -0.64 -8.88 14.69
CA MET B 26 -1.96 -9.40 15.20
C MET B 26 -1.83 -10.88 15.57
N GLY B 27 -0.65 -11.32 15.93
CA GLY B 27 -0.44 -12.76 16.31
C GLY B 27 1.05 -13.03 16.51
N GLY A 1 19.95 13.04 -11.93
CA GLY A 1 18.82 12.13 -12.26
C GLY A 1 17.50 12.76 -11.85
N THR A 2 16.40 12.09 -12.14
CA THR A 2 15.06 12.63 -11.77
C THR A 2 14.26 11.56 -11.01
N PRO A 3 14.26 11.57 -9.67
CA PRO A 3 13.51 10.55 -8.87
C PRO A 3 11.99 10.71 -9.01
N THR A 4 11.25 9.66 -8.76
CA THR A 4 9.76 9.72 -8.87
C THR A 4 9.15 9.92 -7.49
N TRP A 5 8.39 10.98 -7.32
CA TRP A 5 7.73 11.25 -6.01
C TRP A 5 6.37 10.55 -5.93
N GLN A 6 5.84 10.09 -7.05
CA GLN A 6 4.52 9.39 -7.06
C GLN A 6 4.64 8.06 -6.32
N THR A 7 5.79 7.43 -6.38
CA THR A 7 5.99 6.10 -5.70
C THR A 7 5.70 6.23 -4.20
N VAL A 8 6.25 7.23 -3.55
CA VAL A 8 6.02 7.40 -2.08
C VAL A 8 4.56 7.75 -1.81
N THR A 9 3.95 8.59 -2.64
CA THR A 9 2.52 8.98 -2.40
C THR A 9 1.60 7.77 -2.55
N ILE A 10 1.81 6.96 -3.57
CA ILE A 10 0.94 5.74 -3.76
C ILE A 10 1.23 4.77 -2.61
N PHE A 11 2.48 4.61 -2.24
CA PHE A 11 2.85 3.64 -1.16
C PHE A 11 2.12 4.02 0.14
N VAL A 12 2.14 5.28 0.50
CA VAL A 12 1.46 5.72 1.75
C VAL A 12 -0.07 5.55 1.59
N ALA A 13 -0.59 5.87 0.42
CA ALA A 13 -2.06 5.73 0.17
C ALA A 13 -2.45 4.24 0.20
N GLY A 14 -1.59 3.38 -0.28
CA GLY A 14 -1.89 1.91 -0.31
C GLY A 14 -1.96 1.36 1.12
N VAL A 15 -1.07 1.81 1.99
CA VAL A 15 -1.09 1.31 3.40
C VAL A 15 -2.34 1.85 4.10
N LEU A 16 -2.63 3.11 3.91
CA LEU A 16 -3.83 3.72 4.56
C LEU A 16 -5.10 3.06 4.02
N THR A 17 -5.16 2.85 2.72
CA THR A 17 -6.36 2.20 2.09
C THR A 17 -6.45 0.74 2.53
N ALA A 18 -5.35 0.02 2.47
CA ALA A 18 -5.35 -1.43 2.84
C ALA A 18 -5.71 -1.59 4.31
N SER A 19 -5.29 -0.69 5.15
CA SER A 19 -5.62 -0.80 6.60
C SER A 19 -7.14 -0.82 6.75
N LEU A 20 -7.83 -0.02 5.96
CA LEU A 20 -9.33 0.04 6.02
C LEU A 20 -9.95 -1.31 5.61
N THR A 21 -9.42 -1.96 4.59
CA THR A 21 -10.02 -3.25 4.11
C THR A 21 -9.78 -4.35 5.13
N ILE A 22 -8.58 -4.49 5.61
CA ILE A 22 -8.27 -5.57 6.60
C ILE A 22 -9.02 -5.29 7.90
N TRP A 23 -8.98 -4.07 8.37
CA TRP A 23 -9.67 -3.69 9.64
C TRP A 23 -11.17 -4.01 9.52
N LYS A 24 -11.77 -3.66 8.41
CA LYS A 24 -13.23 -3.92 8.21
C LYS A 24 -13.46 -5.39 7.86
N LYS A 25 -12.50 -6.04 7.24
CA LYS A 25 -12.65 -7.48 6.86
C LYS A 25 -12.18 -8.41 7.99
N MET A 26 -11.85 -7.87 9.15
CA MET A 26 -11.38 -8.72 10.29
C MET A 26 -12.51 -9.64 10.75
N GLY A 27 -13.74 -9.23 10.56
CA GLY A 27 -14.91 -10.06 10.98
C GLY A 27 -15.50 -10.76 9.76
N GLY B 1 -10.21 1.40 -18.21
CA GLY B 1 -9.45 0.16 -18.54
C GLY B 1 -8.38 -0.07 -17.47
N THR B 2 -7.14 -0.22 -17.89
CA THR B 2 -6.02 -0.46 -16.92
C THR B 2 -4.85 0.49 -17.27
N PRO B 3 -4.98 1.79 -17.00
CA PRO B 3 -3.89 2.78 -17.29
C PRO B 3 -2.75 2.71 -16.29
N THR B 4 -1.58 3.18 -16.67
CA THR B 4 -0.38 3.16 -15.77
C THR B 4 -0.22 1.78 -15.15
N TRP B 5 0.55 0.92 -15.79
CA TRP B 5 0.76 -0.46 -15.26
C TRP B 5 1.82 -0.44 -14.16
N GLN B 6 2.83 0.39 -14.30
CA GLN B 6 3.91 0.48 -13.26
C GLN B 6 3.31 0.90 -11.92
N THR B 7 2.31 1.76 -11.94
CA THR B 7 1.66 2.21 -10.67
C THR B 7 1.10 0.99 -9.95
N VAL B 8 0.64 0.01 -10.69
CA VAL B 8 0.08 -1.23 -10.08
C VAL B 8 1.19 -1.93 -9.29
N THR B 9 2.39 -1.94 -9.82
CA THR B 9 3.53 -2.61 -9.11
C THR B 9 3.73 -1.97 -7.74
N ILE B 10 3.68 -0.65 -7.68
CA ILE B 10 3.86 0.05 -6.36
C ILE B 10 2.69 -0.34 -5.45
N PHE B 11 1.48 -0.32 -5.96
CA PHE B 11 0.28 -0.65 -5.12
C PHE B 11 0.43 -2.07 -4.56
N VAL B 12 0.85 -3.02 -5.39
CA VAL B 12 1.02 -4.42 -4.90
C VAL B 12 2.03 -4.43 -3.75
N ALA B 13 3.08 -3.65 -3.84
CA ALA B 13 4.10 -3.61 -2.74
C ALA B 13 3.52 -2.89 -1.52
N GLY B 14 2.77 -1.84 -1.74
CA GLY B 14 2.15 -1.07 -0.61
C GLY B 14 1.18 -1.98 0.14
N VAL B 15 0.41 -2.78 -0.59
CA VAL B 15 -0.56 -3.71 0.07
C VAL B 15 0.23 -4.74 0.87
N LEU B 16 1.35 -5.18 0.36
CA LEU B 16 2.19 -6.18 1.08
C LEU B 16 2.64 -5.57 2.40
N THR B 17 3.07 -4.33 2.39
CA THR B 17 3.53 -3.66 3.63
C THR B 17 2.39 -3.66 4.66
N ALA B 18 1.18 -3.40 4.21
CA ALA B 18 0.01 -3.38 5.14
C ALA B 18 -0.18 -4.76 5.77
N SER B 19 0.02 -5.82 5.01
CA SER B 19 -0.16 -7.20 5.56
C SER B 19 0.84 -7.40 6.70
N LEU B 20 2.09 -7.09 6.45
CA LEU B 20 3.16 -7.27 7.48
C LEU B 20 2.93 -6.37 8.70
N THR B 21 2.51 -5.13 8.49
CA THR B 21 2.31 -4.19 9.64
C THR B 21 1.15 -4.63 10.53
N ILE B 22 0.02 -4.97 9.94
CA ILE B 22 -1.16 -5.39 10.74
C ILE B 22 -0.84 -6.73 11.40
N TRP B 23 -0.23 -7.64 10.67
CA TRP B 23 0.10 -8.98 11.24
C TRP B 23 1.03 -8.82 12.44
N LYS B 24 2.05 -8.00 12.32
CA LYS B 24 3.02 -7.79 13.44
C LYS B 24 2.35 -7.04 14.58
N LYS B 25 1.49 -6.10 14.27
CA LYS B 25 0.80 -5.30 15.34
C LYS B 25 -0.31 -6.12 15.99
N MET B 26 -0.88 -7.06 15.27
CA MET B 26 -1.97 -7.92 15.83
C MET B 26 -1.56 -9.39 15.75
N GLY B 27 -0.30 -9.67 16.00
CA GLY B 27 0.20 -11.08 15.95
C GLY B 27 -0.37 -11.86 17.13
N GLY A 1 18.60 14.26 -2.81
CA GLY A 1 18.70 15.68 -2.37
C GLY A 1 17.30 16.29 -2.27
N THR A 2 16.50 16.10 -3.29
CA THR A 2 15.11 16.66 -3.28
C THR A 2 14.11 15.52 -2.97
N PRO A 3 13.09 15.74 -2.14
CA PRO A 3 12.09 14.68 -1.80
C PRO A 3 11.08 14.45 -2.93
N THR A 4 10.54 13.25 -3.01
CA THR A 4 9.53 12.93 -4.06
C THR A 4 8.22 12.57 -3.39
N TRP A 5 7.13 13.14 -3.85
CA TRP A 5 5.78 12.84 -3.25
C TRP A 5 4.99 11.88 -4.13
N GLN A 6 5.36 11.73 -5.38
CA GLN A 6 4.61 10.80 -6.30
C GLN A 6 4.72 9.37 -5.81
N THR A 7 5.92 8.93 -5.46
CA THR A 7 6.11 7.53 -4.96
C THR A 7 5.47 7.38 -3.58
N VAL A 8 5.53 8.42 -2.78
CA VAL A 8 4.95 8.38 -1.41
C VAL A 8 3.43 8.29 -1.50
N THR A 9 2.83 9.05 -2.40
CA THR A 9 1.34 9.04 -2.53
C THR A 9 0.82 7.68 -3.00
N ILE A 10 1.47 7.09 -3.98
CA ILE A 10 1.00 5.75 -4.49
C ILE A 10 1.19 4.68 -3.41
N PHE A 11 2.32 4.68 -2.76
CA PHE A 11 2.61 3.67 -1.69
C PHE A 11 1.65 3.89 -0.52
N VAL A 12 1.51 5.12 -0.09
CA VAL A 12 0.62 5.44 1.07
C VAL A 12 -0.84 5.18 0.68
N ALA A 13 -1.25 5.50 -0.53
CA ALA A 13 -2.67 5.29 -0.94
C ALA A 13 -3.02 3.80 -0.84
N GLY A 14 -2.10 2.93 -1.22
CA GLY A 14 -2.36 1.46 -1.12
C GLY A 14 -2.47 1.04 0.34
N VAL A 15 -1.57 1.52 1.17
CA VAL A 15 -1.59 1.17 2.63
C VAL A 15 -2.83 1.78 3.27
N LEU A 16 -3.21 2.95 2.83
CA LEU A 16 -4.40 3.67 3.41
C LEU A 16 -5.66 2.85 3.18
N THR A 17 -5.84 2.29 2.01
CA THR A 17 -7.07 1.48 1.72
C THR A 17 -7.05 0.21 2.56
N ALA A 18 -5.93 -0.48 2.58
CA ALA A 18 -5.83 -1.74 3.37
C ALA A 18 -5.91 -1.46 4.87
N SER A 19 -5.46 -0.31 5.31
CA SER A 19 -5.51 0.03 6.76
C SER A 19 -6.97 0.00 7.22
N LEU A 20 -7.84 0.62 6.46
CA LEU A 20 -9.29 0.68 6.83
C LEU A 20 -9.94 -0.71 6.81
N THR A 21 -9.63 -1.54 5.83
CA THR A 21 -10.26 -2.90 5.75
C THR A 21 -9.77 -3.77 6.90
N ILE A 22 -8.48 -3.81 7.14
CA ILE A 22 -7.92 -4.64 8.26
C ILE A 22 -8.37 -4.06 9.59
N TRP A 23 -8.22 -2.77 9.77
CA TRP A 23 -8.61 -2.11 11.05
C TRP A 23 -10.08 -2.36 11.35
N LYS A 24 -10.92 -2.35 10.33
CA LYS A 24 -12.38 -2.59 10.56
C LYS A 24 -12.60 -3.98 11.15
N LYS A 25 -11.85 -4.96 10.69
CA LYS A 25 -12.00 -6.35 11.21
C LYS A 25 -11.14 -6.55 12.47
N MET A 26 -10.13 -5.73 12.67
CA MET A 26 -9.26 -5.87 13.88
C MET A 26 -9.95 -5.31 15.12
N GLY A 27 -11.15 -4.80 14.99
CA GLY A 27 -11.88 -4.22 16.16
C GLY A 27 -13.38 -4.22 15.89
N GLY B 1 -0.26 -1.37 -26.03
CA GLY B 1 1.14 -1.76 -26.39
C GLY B 1 1.78 -2.49 -25.22
N THR B 2 2.79 -1.91 -24.62
CA THR B 2 3.48 -2.55 -23.45
C THR B 2 3.63 -1.51 -22.32
N PRO B 3 2.66 -1.39 -21.42
CA PRO B 3 2.73 -0.41 -20.29
C PRO B 3 3.77 -0.82 -19.24
N THR B 4 4.22 0.11 -18.44
CA THR B 4 5.24 -0.21 -17.39
C THR B 4 4.55 -0.90 -16.22
N TRP B 5 5.30 -1.69 -15.46
CA TRP B 5 4.71 -2.42 -14.29
C TRP B 5 5.07 -1.71 -12.97
N GLN B 6 5.84 -0.65 -13.02
CA GLN B 6 6.24 0.06 -11.76
C GLN B 6 5.00 0.56 -11.01
N THR B 7 4.01 1.05 -11.74
CA THR B 7 2.77 1.58 -11.08
C THR B 7 2.00 0.44 -10.39
N VAL B 8 1.80 -0.65 -11.08
CA VAL B 8 1.06 -1.82 -10.48
C VAL B 8 1.88 -2.46 -9.36
N THR B 9 3.16 -2.63 -9.57
CA THR B 9 4.03 -3.29 -8.55
C THR B 9 4.13 -2.44 -7.27
N ILE B 10 4.29 -1.15 -7.39
CA ILE B 10 4.41 -0.28 -6.16
C ILE B 10 3.09 -0.29 -5.39
N PHE B 11 1.98 -0.21 -6.08
CA PHE B 11 0.64 -0.21 -5.41
C PHE B 11 0.43 -1.54 -4.69
N VAL B 12 0.74 -2.64 -5.36
CA VAL B 12 0.57 -3.99 -4.74
C VAL B 12 1.56 -4.14 -3.59
N ALA B 13 2.77 -3.64 -3.75
CA ALA B 13 3.80 -3.75 -2.67
C ALA B 13 3.28 -3.04 -1.43
N GLY B 14 2.56 -1.95 -1.60
CA GLY B 14 2.02 -1.19 -0.42
C GLY B 14 0.98 -2.06 0.30
N VAL B 15 0.13 -2.75 -0.45
CA VAL B 15 -0.92 -3.61 0.19
C VAL B 15 -0.21 -4.79 0.87
N LEU B 16 0.74 -5.39 0.19
CA LEU B 16 1.48 -6.56 0.76
C LEU B 16 2.22 -6.12 2.02
N THR B 17 2.84 -4.96 1.97
CA THR B 17 3.60 -4.45 3.15
C THR B 17 2.65 -4.23 4.33
N ALA B 18 1.51 -3.63 4.08
CA ALA B 18 0.53 -3.34 5.17
C ALA B 18 -0.02 -4.65 5.75
N SER B 19 -0.23 -5.65 4.91
CA SER B 19 -0.77 -6.96 5.40
C SER B 19 0.31 -7.64 6.22
N LEU B 20 1.48 -7.66 5.66
CA LEU B 20 2.66 -8.30 6.29
C LEU B 20 3.04 -7.60 7.61
N THR B 21 3.00 -6.28 7.67
CA THR B 21 3.41 -5.57 8.93
C THR B 21 2.32 -5.71 9.99
N ILE B 22 1.09 -5.48 9.63
CA ILE B 22 -0.04 -5.58 10.62
C ILE B 22 -0.22 -7.04 11.05
N TRP B 23 -0.18 -7.95 10.11
CA TRP B 23 -0.38 -9.41 10.44
C TRP B 23 0.78 -9.94 11.27
N LYS B 24 2.00 -9.60 10.92
CA LYS B 24 3.18 -10.13 11.69
C LYS B 24 3.19 -9.55 13.10
N LYS B 25 2.79 -8.29 13.26
CA LYS B 25 2.80 -7.66 14.62
C LYS B 25 1.52 -8.03 15.38
N MET B 26 0.44 -8.31 14.67
CA MET B 26 -0.85 -8.69 15.35
C MET B 26 -1.05 -10.20 15.26
N GLY B 27 0.02 -10.96 15.18
CA GLY B 27 -0.09 -12.45 15.10
C GLY B 27 1.30 -13.05 15.01
N GLY A 1 20.77 10.85 -4.51
CA GLY A 1 19.52 10.39 -5.19
C GLY A 1 18.40 11.40 -4.97
N THR A 2 17.70 11.75 -6.02
CA THR A 2 16.58 12.73 -5.90
C THR A 2 15.23 11.99 -5.93
N PRO A 3 14.67 11.60 -4.77
CA PRO A 3 13.37 10.86 -4.73
C PRO A 3 12.19 11.72 -5.18
N THR A 4 11.14 11.11 -5.66
CA THR A 4 9.94 11.87 -6.12
C THR A 4 8.83 11.75 -5.07
N TRP A 5 7.89 12.66 -5.07
CA TRP A 5 6.78 12.62 -4.07
C TRP A 5 5.56 11.89 -4.66
N GLN A 6 5.44 11.85 -5.97
CA GLN A 6 4.28 11.15 -6.61
C GLN A 6 4.28 9.68 -6.18
N THR A 7 5.45 9.08 -6.10
CA THR A 7 5.55 7.65 -5.66
C THR A 7 5.19 7.55 -4.18
N VAL A 8 5.49 8.58 -3.42
CA VAL A 8 5.16 8.57 -1.95
C VAL A 8 3.65 8.59 -1.77
N THR A 9 2.97 9.42 -2.52
CA THR A 9 1.47 9.52 -2.37
C THR A 9 0.79 8.22 -2.78
N ILE A 10 1.20 7.61 -3.87
CA ILE A 10 0.55 6.32 -4.28
C ILE A 10 0.88 5.22 -3.26
N PHE A 11 2.09 5.22 -2.76
CA PHE A 11 2.51 4.19 -1.75
C PHE A 11 1.58 4.31 -0.54
N VAL A 12 1.36 5.53 -0.09
CA VAL A 12 0.45 5.78 1.07
C VAL A 12 -0.98 5.42 0.68
N ALA A 13 -1.38 5.71 -0.55
CA ALA A 13 -2.77 5.40 -0.99
C ALA A 13 -3.03 3.90 -0.89
N GLY A 14 -2.06 3.09 -1.24
CA GLY A 14 -2.25 1.60 -1.18
C GLY A 14 -2.31 1.16 0.29
N VAL A 15 -1.46 1.71 1.13
CA VAL A 15 -1.47 1.34 2.58
C VAL A 15 -2.74 1.87 3.25
N LEU A 16 -3.23 3.00 2.80
CA LEU A 16 -4.45 3.61 3.39
C LEU A 16 -5.66 2.72 3.10
N THR A 17 -5.77 2.21 1.91
CA THR A 17 -6.95 1.35 1.56
C THR A 17 -6.93 0.09 2.41
N ALA A 18 -5.80 -0.56 2.52
CA ALA A 18 -5.70 -1.83 3.31
C ALA A 18 -5.78 -1.58 4.82
N SER A 19 -5.13 -0.53 5.31
CA SER A 19 -5.16 -0.24 6.78
C SER A 19 -6.61 -0.06 7.22
N LEU A 20 -7.38 0.66 6.45
CA LEU A 20 -8.81 0.93 6.77
C LEU A 20 -9.63 -0.36 6.79
N THR A 21 -9.44 -1.24 5.82
CA THR A 21 -10.24 -2.51 5.78
C THR A 21 -9.81 -3.46 6.88
N ILE A 22 -8.53 -3.66 7.05
CA ILE A 22 -8.01 -4.60 8.09
C ILE A 22 -8.34 -4.03 9.47
N TRP A 23 -8.03 -2.77 9.69
CA TRP A 23 -8.29 -2.13 11.01
C TRP A 23 -9.78 -2.16 11.32
N LYS A 24 -10.61 -1.93 10.30
CA LYS A 24 -12.09 -1.94 10.51
C LYS A 24 -12.57 -3.32 10.96
N LYS A 25 -11.83 -4.37 10.65
CA LYS A 25 -12.27 -5.75 11.06
C LYS A 25 -11.97 -5.97 12.55
N MET A 26 -10.99 -5.28 13.10
CA MET A 26 -10.66 -5.43 14.55
C MET A 26 -10.66 -4.06 15.22
N GLY A 27 -11.54 -3.18 14.79
CA GLY A 27 -11.61 -1.81 15.37
C GLY A 27 -12.97 -1.60 16.05
N GLY B 1 -2.71 -1.92 -24.12
CA GLY B 1 -1.58 -2.67 -24.75
C GLY B 1 -0.77 -3.40 -23.68
N THR B 2 0.44 -2.97 -23.45
CA THR B 2 1.31 -3.61 -22.41
C THR B 2 1.73 -2.56 -21.37
N PRO B 3 1.01 -2.42 -20.25
CA PRO B 3 1.37 -1.41 -19.20
C PRO B 3 2.66 -1.78 -18.47
N THR B 4 3.29 -0.82 -17.83
CA THR B 4 4.56 -1.09 -17.10
C THR B 4 4.24 -1.79 -15.78
N TRP B 5 5.23 -2.38 -15.16
CA TRP B 5 5.01 -3.10 -13.86
C TRP B 5 5.32 -2.18 -12.67
N GLN B 6 5.91 -1.02 -12.91
CA GLN B 6 6.26 -0.08 -11.80
C GLN B 6 4.99 0.35 -11.05
N THR B 7 3.92 0.60 -11.78
CA THR B 7 2.64 1.05 -11.13
C THR B 7 2.03 -0.07 -10.29
N VAL B 8 1.92 -1.27 -10.83
CA VAL B 8 1.32 -2.41 -10.07
C VAL B 8 2.22 -2.82 -8.90
N THR B 9 3.52 -2.85 -9.10
CA THR B 9 4.45 -3.28 -8.02
C THR B 9 4.41 -2.30 -6.84
N ILE B 10 4.41 -1.00 -7.10
CA ILE B 10 4.39 -0.01 -5.98
C ILE B 10 3.06 -0.09 -5.23
N PHE B 11 1.95 -0.12 -5.94
CA PHE B 11 0.61 -0.18 -5.28
C PHE B 11 0.43 -1.53 -4.58
N VAL B 12 0.74 -2.61 -5.26
CA VAL B 12 0.58 -3.98 -4.67
C VAL B 12 1.57 -4.17 -3.52
N ALA B 13 2.79 -3.70 -3.65
CA ALA B 13 3.80 -3.85 -2.57
C ALA B 13 3.34 -3.10 -1.33
N GLY B 14 2.71 -1.95 -1.50
CA GLY B 14 2.23 -1.18 -0.32
C GLY B 14 1.19 -2.01 0.43
N VAL B 15 0.30 -2.66 -0.30
CA VAL B 15 -0.74 -3.52 0.35
C VAL B 15 -0.05 -4.76 0.94
N LEU B 16 0.90 -5.31 0.23
CA LEU B 16 1.61 -6.54 0.71
C LEU B 16 2.34 -6.25 2.02
N THR B 17 3.01 -5.13 2.11
CA THR B 17 3.75 -4.79 3.36
C THR B 17 2.77 -4.50 4.48
N ALA B 18 1.76 -3.71 4.22
CA ALA B 18 0.76 -3.35 5.28
C ALA B 18 0.04 -4.60 5.77
N SER B 19 -0.34 -5.49 4.88
CA SER B 19 -1.07 -6.73 5.29
C SER B 19 -0.14 -7.65 6.08
N LEU B 20 1.02 -7.92 5.54
CA LEU B 20 1.99 -8.84 6.21
C LEU B 20 2.48 -8.29 7.55
N THR B 21 2.76 -7.00 7.62
CA THR B 21 3.29 -6.41 8.91
C THR B 21 2.21 -6.42 9.99
N ILE B 22 1.02 -5.98 9.67
CA ILE B 22 -0.07 -5.94 10.68
C ILE B 22 -0.39 -7.36 11.15
N TRP B 23 -0.49 -8.29 10.22
CA TRP B 23 -0.83 -9.70 10.58
C TRP B 23 0.24 -10.31 11.49
N LYS B 24 1.51 -10.13 11.17
CA LYS B 24 2.60 -10.73 12.01
C LYS B 24 2.82 -9.89 13.29
N LYS B 25 2.61 -8.60 13.22
CA LYS B 25 2.82 -7.72 14.41
C LYS B 25 1.65 -7.82 15.39
N MET B 26 0.46 -8.17 14.90
CA MET B 26 -0.72 -8.28 15.80
C MET B 26 -0.98 -9.76 16.14
N GLY B 27 0.07 -10.54 16.27
CA GLY B 27 -0.09 -11.99 16.61
C GLY B 27 0.48 -12.85 15.50
N GLY A 1 11.87 22.49 -6.72
CA GLY A 1 11.83 21.12 -7.32
C GLY A 1 11.63 20.09 -6.21
N THR A 2 10.44 19.54 -6.10
CA THR A 2 10.15 18.52 -5.04
C THR A 2 9.94 17.15 -5.69
N PRO A 3 11.00 16.39 -5.97
CA PRO A 3 10.88 15.04 -6.60
C PRO A 3 10.40 13.97 -5.61
N THR A 4 9.90 12.87 -6.11
CA THR A 4 9.40 11.76 -5.21
C THR A 4 8.21 12.26 -4.38
N TRP A 5 7.48 13.24 -4.87
CA TRP A 5 6.31 13.77 -4.12
C TRP A 5 5.07 12.97 -4.52
N GLN A 6 4.82 12.87 -5.80
CA GLN A 6 3.64 12.08 -6.29
C GLN A 6 3.88 10.58 -6.03
N THR A 7 5.12 10.15 -6.10
CA THR A 7 5.46 8.71 -5.89
C THR A 7 5.03 8.27 -4.49
N VAL A 8 5.33 9.05 -3.47
CA VAL A 8 4.94 8.66 -2.07
C VAL A 8 3.41 8.62 -1.96
N THR A 9 2.72 9.53 -2.61
CA THR A 9 1.23 9.58 -2.51
C THR A 9 0.61 8.27 -2.99
N ILE A 10 1.09 7.71 -4.09
CA ILE A 10 0.48 6.43 -4.60
C ILE A 10 0.77 5.31 -3.58
N PHE A 11 1.96 5.28 -3.04
CA PHE A 11 2.33 4.23 -2.04
C PHE A 11 1.44 4.39 -0.81
N VAL A 12 1.27 5.61 -0.34
CA VAL A 12 0.44 5.87 0.87
C VAL A 12 -1.03 5.51 0.58
N ALA A 13 -1.52 5.81 -0.60
CA ALA A 13 -2.94 5.51 -0.95
C ALA A 13 -3.19 4.01 -0.82
N GLY A 14 -2.25 3.19 -1.25
CA GLY A 14 -2.43 1.70 -1.17
C GLY A 14 -2.36 1.24 0.29
N VAL A 15 -1.42 1.76 1.06
CA VAL A 15 -1.29 1.33 2.50
C VAL A 15 -2.50 1.83 3.27
N LEU A 16 -2.89 3.06 3.05
CA LEU A 16 -4.06 3.66 3.76
C LEU A 16 -5.32 2.89 3.42
N THR A 17 -5.53 2.55 2.17
CA THR A 17 -6.75 1.79 1.77
C THR A 17 -6.81 0.47 2.53
N ALA A 18 -5.69 -0.23 2.62
CA ALA A 18 -5.67 -1.54 3.31
C ALA A 18 -5.77 -1.38 4.83
N SER A 19 -5.15 -0.35 5.38
CA SER A 19 -5.20 -0.14 6.85
C SER A 19 -6.66 0.02 7.28
N LEU A 20 -7.41 0.80 6.54
CA LEU A 20 -8.84 1.06 6.87
C LEU A 20 -9.70 -0.20 6.79
N THR A 21 -9.55 -1.01 5.76
CA THR A 21 -10.39 -2.24 5.63
C THR A 21 -10.09 -3.22 6.75
N ILE A 22 -8.82 -3.49 6.98
CA ILE A 22 -8.44 -4.45 8.07
C ILE A 22 -8.78 -3.84 9.42
N TRP A 23 -8.36 -2.62 9.66
CA TRP A 23 -8.61 -1.96 10.98
C TRP A 23 -10.11 -1.83 11.24
N LYS A 24 -10.89 -1.47 10.25
CA LYS A 24 -12.36 -1.31 10.45
C LYS A 24 -12.98 -2.64 10.85
N LYS A 25 -12.44 -3.75 10.36
CA LYS A 25 -12.99 -5.09 10.71
C LYS A 25 -12.54 -5.51 12.11
N MET A 26 -11.55 -4.85 12.68
CA MET A 26 -11.07 -5.21 14.06
C MET A 26 -12.14 -4.86 15.09
N GLY A 27 -12.97 -3.88 14.80
CA GLY A 27 -14.04 -3.47 15.76
C GLY A 27 -15.25 -2.95 14.99
N GLY B 1 -5.37 -4.08 -21.81
CA GLY B 1 -4.41 -3.01 -22.20
C GLY B 1 -2.99 -3.47 -21.92
N THR B 2 -2.04 -2.55 -21.89
CA THR B 2 -0.61 -2.92 -21.64
C THR B 2 -0.04 -2.00 -20.52
N PRO B 3 -0.42 -2.22 -19.26
CA PRO B 3 0.10 -1.38 -18.13
C PRO B 3 1.55 -1.69 -17.79
N THR B 4 2.25 -0.76 -17.17
CA THR B 4 3.68 -0.99 -16.81
C THR B 4 3.73 -1.89 -15.57
N TRP B 5 4.91 -2.36 -15.21
CA TRP B 5 5.04 -3.27 -14.02
C TRP B 5 5.41 -2.44 -12.79
N GLN B 6 6.20 -1.40 -12.97
CA GLN B 6 6.64 -0.56 -11.80
C GLN B 6 5.43 0.04 -11.09
N THR B 7 4.45 0.51 -11.83
CA THR B 7 3.24 1.15 -11.20
C THR B 7 2.43 0.10 -10.43
N VAL B 8 2.15 -1.03 -11.05
CA VAL B 8 1.34 -2.08 -10.36
C VAL B 8 2.14 -2.69 -9.20
N THR B 9 3.43 -2.90 -9.39
CA THR B 9 4.28 -3.52 -8.32
C THR B 9 4.36 -2.65 -7.07
N ILE B 10 4.52 -1.35 -7.21
CA ILE B 10 4.64 -0.47 -5.99
C ILE B 10 3.31 -0.46 -5.23
N PHE B 11 2.20 -0.36 -5.94
CA PHE B 11 0.87 -0.35 -5.27
C PHE B 11 0.60 -1.71 -4.62
N VAL B 12 0.86 -2.78 -5.34
CA VAL B 12 0.62 -4.15 -4.80
C VAL B 12 1.59 -4.40 -3.62
N ALA B 13 2.83 -3.98 -3.75
CA ALA B 13 3.82 -4.19 -2.65
C ALA B 13 3.38 -3.42 -1.40
N GLY B 14 2.78 -2.26 -1.57
CA GLY B 14 2.33 -1.45 -0.40
C GLY B 14 1.24 -2.22 0.35
N VAL B 15 0.29 -2.79 -0.36
CA VAL B 15 -0.81 -3.57 0.30
C VAL B 15 -0.22 -4.86 0.89
N LEU B 16 0.64 -5.52 0.12
CA LEU B 16 1.25 -6.80 0.57
C LEU B 16 2.09 -6.57 1.83
N THR B 17 2.87 -5.50 1.85
CA THR B 17 3.74 -5.19 3.02
C THR B 17 2.88 -4.97 4.27
N ALA B 18 1.84 -4.18 4.13
CA ALA B 18 0.94 -3.88 5.28
C ALA B 18 0.27 -5.15 5.81
N SER B 19 0.06 -6.13 4.96
CA SER B 19 -0.64 -7.39 5.42
C SER B 19 0.25 -8.16 6.40
N LEU B 20 1.48 -8.39 6.05
CA LEU B 20 2.41 -9.17 6.94
C LEU B 20 2.67 -8.40 8.24
N THR B 21 2.91 -7.11 8.14
CA THR B 21 3.24 -6.28 9.36
C THR B 21 2.07 -6.32 10.36
N ILE B 22 0.87 -6.11 9.90
CA ILE B 22 -0.30 -6.11 10.84
C ILE B 22 -0.50 -7.51 11.41
N TRP B 23 -0.46 -8.51 10.56
CA TRP B 23 -0.68 -9.92 11.01
C TRP B 23 0.45 -10.34 11.96
N LYS B 24 1.66 -9.88 11.72
CA LYS B 24 2.82 -10.26 12.58
C LYS B 24 2.60 -9.75 14.01
N LYS B 25 1.99 -8.60 14.16
CA LYS B 25 1.74 -8.03 15.53
C LYS B 25 0.37 -8.47 16.07
N MET B 26 -0.37 -9.26 15.32
CA MET B 26 -1.72 -9.74 15.78
C MET B 26 -1.56 -11.08 16.50
N GLY B 27 -0.40 -11.37 17.04
CA GLY B 27 -0.17 -12.65 17.76
C GLY B 27 0.26 -13.72 16.76
N GLY A 1 17.56 13.03 -5.93
CA GLY A 1 17.37 14.42 -5.44
C GLY A 1 15.92 14.62 -5.01
N THR A 2 15.08 15.04 -5.93
CA THR A 2 13.64 15.27 -5.60
C THR A 2 12.75 14.59 -6.68
N PRO A 3 12.38 13.32 -6.50
CA PRO A 3 11.53 12.58 -7.49
C PRO A 3 10.09 13.08 -7.49
N THR A 4 9.34 12.80 -8.55
CA THR A 4 7.92 13.24 -8.63
C THR A 4 7.16 12.76 -7.38
N TRP A 5 6.10 13.45 -7.02
CA TRP A 5 5.31 13.07 -5.80
C TRP A 5 4.27 11.98 -6.12
N GLN A 6 4.12 11.62 -7.39
CA GLN A 6 3.13 10.55 -7.77
C GLN A 6 3.54 9.20 -7.19
N THR A 7 4.83 8.95 -7.12
CA THR A 7 5.33 7.64 -6.60
C THR A 7 5.07 7.54 -5.10
N VAL A 8 5.41 8.57 -4.35
CA VAL A 8 5.22 8.55 -2.87
C VAL A 8 3.73 8.55 -2.50
N THR A 9 2.92 9.33 -3.18
CA THR A 9 1.46 9.40 -2.84
C THR A 9 0.79 8.05 -3.05
N ILE A 10 1.11 7.35 -4.11
CA ILE A 10 0.46 6.03 -4.37
C ILE A 10 0.89 5.03 -3.27
N PHE A 11 2.16 5.02 -2.90
CA PHE A 11 2.64 4.07 -1.84
C PHE A 11 1.90 4.33 -0.53
N VAL A 12 1.79 5.57 -0.12
CA VAL A 12 1.07 5.90 1.16
C VAL A 12 -0.41 5.59 1.02
N ALA A 13 -0.97 5.89 -0.13
CA ALA A 13 -2.43 5.63 -0.36
C ALA A 13 -2.71 4.14 -0.26
N GLY A 14 -1.82 3.31 -0.77
CA GLY A 14 -2.02 1.83 -0.73
C GLY A 14 -1.97 1.34 0.73
N VAL A 15 -1.03 1.84 1.51
CA VAL A 15 -0.91 1.41 2.94
C VAL A 15 -2.11 1.93 3.72
N LEU A 16 -2.45 3.19 3.51
CA LEU A 16 -3.60 3.82 4.24
C LEU A 16 -4.90 3.12 3.84
N THR A 17 -5.09 2.83 2.57
CA THR A 17 -6.33 2.16 2.11
C THR A 17 -6.43 0.76 2.72
N ALA A 18 -5.34 0.02 2.72
CA ALA A 18 -5.35 -1.37 3.27
C ALA A 18 -5.73 -1.36 4.75
N SER A 19 -5.21 -0.41 5.50
CA SER A 19 -5.54 -0.34 6.96
C SER A 19 -7.06 -0.21 7.12
N LEU A 20 -7.71 0.51 6.23
CA LEU A 20 -9.20 0.72 6.34
C LEU A 20 -9.98 -0.60 6.17
N THR A 21 -9.59 -1.46 5.24
CA THR A 21 -10.37 -2.72 5.01
C THR A 21 -10.11 -3.71 6.16
N ILE A 22 -8.90 -3.75 6.69
CA ILE A 22 -8.59 -4.69 7.82
C ILE A 22 -9.36 -4.25 9.06
N TRP A 23 -9.30 -2.97 9.37
CA TRP A 23 -10.01 -2.44 10.57
C TRP A 23 -11.52 -2.64 10.42
N LYS A 24 -12.03 -2.51 9.22
CA LYS A 24 -13.50 -2.68 8.99
C LYS A 24 -13.90 -4.11 9.36
N LYS A 25 -13.08 -5.08 9.05
CA LYS A 25 -13.41 -6.50 9.39
C LYS A 25 -13.02 -6.79 10.84
N MET A 26 -12.04 -6.09 11.36
CA MET A 26 -11.60 -6.32 12.78
C MET A 26 -12.14 -5.19 13.67
N GLY A 27 -13.24 -4.57 13.28
CA GLY A 27 -13.83 -3.48 14.10
C GLY A 27 -15.15 -3.94 14.71
N GLY B 1 -7.02 4.56 -20.59
CA GLY B 1 -6.27 4.16 -19.36
C GLY B 1 -5.14 3.22 -19.74
N THR B 2 -3.91 3.66 -19.62
CA THR B 2 -2.74 2.79 -19.97
C THR B 2 -1.82 2.66 -18.73
N PRO B 3 -2.17 1.82 -17.76
CA PRO B 3 -1.34 1.63 -16.52
C PRO B 3 0.01 0.97 -16.83
N THR B 4 0.99 1.19 -15.98
CA THR B 4 2.34 0.58 -16.19
C THR B 4 2.68 -0.30 -15.00
N TRP B 5 3.62 -1.21 -15.16
CA TRP B 5 4.01 -2.13 -14.04
C TRP B 5 4.61 -1.35 -12.86
N GLN B 6 4.93 -0.08 -13.05
CA GLN B 6 5.55 0.71 -11.94
C GLN B 6 4.54 0.92 -10.81
N THR B 7 3.33 1.32 -11.14
CA THR B 7 2.27 1.54 -10.09
C THR B 7 1.85 0.20 -9.50
N VAL B 8 1.84 -0.84 -10.31
CA VAL B 8 1.42 -2.19 -9.82
C VAL B 8 2.41 -2.66 -8.76
N THR B 9 3.69 -2.47 -9.00
CA THR B 9 4.72 -2.91 -8.01
C THR B 9 4.57 -2.12 -6.71
N ILE B 10 4.37 -0.83 -6.81
CA ILE B 10 4.22 0.02 -5.58
C ILE B 10 2.94 -0.37 -4.84
N PHE B 11 1.84 -0.47 -5.55
CA PHE B 11 0.53 -0.82 -4.89
C PHE B 11 0.64 -2.21 -4.26
N VAL B 12 1.14 -3.17 -5.00
CA VAL B 12 1.25 -4.57 -4.46
C VAL B 12 2.27 -4.61 -3.31
N ALA B 13 3.37 -3.89 -3.44
CA ALA B 13 4.41 -3.91 -2.36
C ALA B 13 3.92 -3.18 -1.12
N GLY B 14 3.23 -2.07 -1.29
CA GLY B 14 2.71 -1.29 -0.11
C GLY B 14 1.57 -2.05 0.56
N VAL B 15 0.66 -2.61 -0.21
CA VAL B 15 -0.49 -3.36 0.40
C VAL B 15 0.04 -4.66 1.00
N LEU B 16 0.91 -5.34 0.31
CA LEU B 16 1.46 -6.63 0.82
C LEU B 16 2.26 -6.36 2.10
N THR B 17 3.07 -5.32 2.11
CA THR B 17 3.87 -5.00 3.33
C THR B 17 2.93 -4.63 4.47
N ALA B 18 1.90 -3.85 4.20
CA ALA B 18 0.94 -3.43 5.27
C ALA B 18 0.17 -4.64 5.77
N SER B 19 -0.22 -5.53 4.88
CA SER B 19 -0.99 -6.75 5.28
C SER B 19 -0.08 -7.67 6.10
N LEU B 20 1.11 -7.88 5.62
CA LEU B 20 2.09 -8.78 6.31
C LEU B 20 2.49 -8.24 7.68
N THR B 21 2.77 -6.96 7.80
CA THR B 21 3.19 -6.38 9.12
C THR B 21 2.04 -6.49 10.12
N ILE B 22 0.85 -6.10 9.74
CA ILE B 22 -0.32 -6.16 10.67
C ILE B 22 -0.63 -7.64 10.96
N TRP B 23 -0.69 -8.44 9.93
CA TRP B 23 -0.99 -9.90 10.09
C TRP B 23 0.10 -10.55 10.96
N LYS B 24 1.34 -10.13 10.81
CA LYS B 24 2.44 -10.73 11.62
C LYS B 24 2.21 -10.44 13.10
N LYS B 25 1.73 -9.26 13.42
CA LYS B 25 1.48 -8.91 14.87
C LYS B 25 0.16 -9.51 15.33
N MET B 26 -0.77 -9.72 14.43
CA MET B 26 -2.09 -10.32 14.80
C MET B 26 -2.15 -11.78 14.33
N GLY B 27 -1.00 -12.40 14.12
CA GLY B 27 -0.97 -13.82 13.66
C GLY B 27 -0.41 -14.71 14.77
#